data_8HU5
# 
_entry.id   8HU5 
# 
_audit_conform.dict_name       mmcif_pdbx.dic 
_audit_conform.dict_version    5.376 
_audit_conform.dict_location   http://mmcif.pdb.org/dictionaries/ascii/mmcif_pdbx.dic 
# 
loop_
_database_2.database_id 
_database_2.database_code 
_database_2.pdbx_database_accession 
_database_2.pdbx_DOI 
PDB   8HU5         pdb_00008hu5 10.2210/pdb8hu5/pdb 
WWPDB D_1300033721 ?            ?                   
# 
_pdbx_database_related.db_name        PDB 
_pdbx_database_related.details        '8HIS contains the same ligand and will be submitted to the same paper.' 
_pdbx_database_related.db_id          8HIS 
_pdbx_database_related.content_type   unspecified 
# 
_pdbx_database_status.status_code                     REL 
_pdbx_database_status.status_code_sf                  REL 
_pdbx_database_status.status_code_mr                  ? 
_pdbx_database_status.entry_id                        8HU5 
_pdbx_database_status.recvd_initial_deposition_date   2022-12-22 
_pdbx_database_status.SG_entry                        N 
_pdbx_database_status.deposit_site                    PDBJ 
_pdbx_database_status.process_site                    PDBJ 
_pdbx_database_status.status_code_cs                  ? 
_pdbx_database_status.status_code_nmr_data            ? 
_pdbx_database_status.methods_development_category    ? 
_pdbx_database_status.pdb_format_compatible           Y 
# 
loop_
_audit_author.name 
_audit_author.pdbx_ordinal 
_audit_author.identifier_ORCID 
'Aoyama, H.'    1 0000-0001-7915-8975 
'Obika, H.'     2 0000-0002-6842-6812 
'Yamaguchi, T.' 3 0000-0003-3180-0257 
# 
_citation.abstract                  ? 
_citation.abstract_id_CAS           ? 
_citation.book_id_ISBN              ? 
_citation.book_publisher            ? 
_citation.book_publisher_city       ? 
_citation.book_title                ? 
_citation.coordinate_linkage        ? 
_citation.country                   UK 
_citation.database_id_Medline       ? 
_citation.details                   ? 
_citation.id                        primary 
_citation.journal_abbrev            'Nucleic Acids Res.' 
_citation.journal_id_ASTM           NARHAD 
_citation.journal_id_CSD            0389 
_citation.journal_id_ISSN           1362-4962 
_citation.journal_full              ? 
_citation.journal_issue             ? 
_citation.journal_volume            51 
_citation.language                  ? 
_citation.page_first                7749 
_citation.page_last                 7761 
_citation.title                     
;Mechanism of the extremely high duplex-forming ability of oligonucleotides modified with N-tert-butylguanidine- or N-tert-butyl-N'- methylguanidine-bridged nucleic acids.
;
_citation.year                      2023 
_citation.database_id_CSD           ? 
_citation.pdbx_database_id_DOI      10.1093/nar/gkad608 
_citation.pdbx_database_id_PubMed   37462081 
_citation.pdbx_database_id_patent   ? 
_citation.unpublished_flag          ? 
# 
loop_
_citation_author.citation_id 
_citation_author.name 
_citation_author.ordinal 
_citation_author.identifier_ORCID 
primary 'Yamaguchi, T.' 1 ? 
primary 'Horie, N.'     2 ? 
primary 'Aoyama, H.'    3 ? 
primary 'Kumagai, S.'   4 ? 
primary 'Obika, S.'     5 ? 
# 
_cell.angle_alpha                  90.00 
_cell.angle_alpha_esd              ? 
_cell.angle_beta                   90.00 
_cell.angle_beta_esd               ? 
_cell.angle_gamma                  90.00 
_cell.angle_gamma_esd              ? 
_cell.entry_id                     8HU5 
_cell.details                      ? 
_cell.formula_units_Z              ? 
_cell.length_a                     42.494 
_cell.length_a_esd                 ? 
_cell.length_b                     42.494 
_cell.length_b_esd                 ? 
_cell.length_c                     24.315 
_cell.length_c_esd                 ? 
_cell.volume                       ? 
_cell.volume_esd                   ? 
_cell.Z_PDB                        8 
_cell.reciprocal_angle_alpha       ? 
_cell.reciprocal_angle_beta        ? 
_cell.reciprocal_angle_gamma       ? 
_cell.reciprocal_angle_alpha_esd   ? 
_cell.reciprocal_angle_beta_esd    ? 
_cell.reciprocal_angle_gamma_esd   ? 
_cell.reciprocal_length_a          ? 
_cell.reciprocal_length_b          ? 
_cell.reciprocal_length_c          ? 
_cell.reciprocal_length_a_esd      ? 
_cell.reciprocal_length_b_esd      ? 
_cell.reciprocal_length_c_esd      ? 
_cell.pdbx_unique_axis             ? 
_cell.pdbx_esd_method              ? 
# 
_symmetry.entry_id                         8HU5 
_symmetry.cell_setting                     ? 
_symmetry.Int_Tables_number                96 
_symmetry.space_group_name_Hall            ? 
_symmetry.space_group_name_H-M             'P 43 21 2' 
_symmetry.pdbx_full_space_group_name_H-M   ? 
# 
loop_
_entity.id 
_entity.type 
_entity.src_method 
_entity.pdbx_description 
_entity.formula_weight 
_entity.pdbx_number_of_molecules 
_entity.pdbx_ec 
_entity.pdbx_mutation 
_entity.pdbx_fragment 
_entity.details 
1 polymer syn 
;DNA (5'-D(*GP*(LR6)P*GP*(BRU)P*AP*CP*AP*C)-3')
;
2630.686 1  ? ? ? ? 
2 water   nat water                                            18.015   50 ? ? ? ? 
# 
_entity_poly.entity_id                      1 
_entity_poly.type                           polydeoxyribonucleotide 
_entity_poly.nstd_linkage                   no 
_entity_poly.nstd_monomer                   yes 
_entity_poly.pdbx_seq_one_letter_code       '(DG)(LR6)(DG)(BRU)(DA)(DC)(DA)(DC)' 
_entity_poly.pdbx_seq_one_letter_code_can   GXGUACAC 
_entity_poly.pdbx_strand_id                 A 
_entity_poly.pdbx_target_identifier         ? 
# 
loop_
_entity_poly_seq.entity_id 
_entity_poly_seq.num 
_entity_poly_seq.mon_id 
_entity_poly_seq.hetero 
1 1 DG  n 
1 2 LR6 n 
1 3 DG  n 
1 4 BRU n 
1 5 DA  n 
1 6 DC  n 
1 7 DA  n 
1 8 DC  n 
# 
_pdbx_entity_src_syn.entity_id              1 
_pdbx_entity_src_syn.pdbx_src_id            1 
_pdbx_entity_src_syn.pdbx_alt_source_flag   sample 
_pdbx_entity_src_syn.pdbx_beg_seq_num       1 
_pdbx_entity_src_syn.pdbx_end_seq_num       8 
_pdbx_entity_src_syn.organism_scientific    'synthetic construct' 
_pdbx_entity_src_syn.organism_common_name   ? 
_pdbx_entity_src_syn.ncbi_taxonomy_id       32630 
_pdbx_entity_src_syn.details                ? 
# 
_struct_ref.id                         1 
_struct_ref.db_name                    PDB 
_struct_ref.db_code                    8HU5 
_struct_ref.pdbx_db_accession          8HU5 
_struct_ref.pdbx_db_isoform            ? 
_struct_ref.entity_id                  1 
_struct_ref.pdbx_seq_one_letter_code   ? 
_struct_ref.pdbx_align_begin           1 
# 
_struct_ref_seq.align_id                      1 
_struct_ref_seq.ref_id                        1 
_struct_ref_seq.pdbx_PDB_id_code              8HU5 
_struct_ref_seq.pdbx_strand_id                A 
_struct_ref_seq.seq_align_beg                 1 
_struct_ref_seq.pdbx_seq_align_beg_ins_code   ? 
_struct_ref_seq.seq_align_end                 8 
_struct_ref_seq.pdbx_seq_align_end_ins_code   ? 
_struct_ref_seq.pdbx_db_accession             8HU5 
_struct_ref_seq.db_align_beg                  1 
_struct_ref_seq.pdbx_db_align_beg_ins_code    ? 
_struct_ref_seq.db_align_end                  8 
_struct_ref_seq.pdbx_db_align_end_ins_code    ? 
_struct_ref_seq.pdbx_auth_seq_align_beg       1 
_struct_ref_seq.pdbx_auth_seq_align_end       8 
# 
loop_
_chem_comp.id 
_chem_comp.type 
_chem_comp.mon_nstd_flag 
_chem_comp.name 
_chem_comp.pdbx_synonyms 
_chem_comp.formula 
_chem_comp.formula_weight 
BRU 'DNA linking' n "5-BROMO-2'-DEOXYURIDINE-5'-MONOPHOSPHATE" ? 'C9 H12 Br N2 O8 P' 387.078 
DA  'DNA linking' y "2'-DEOXYADENOSINE-5'-MONOPHOSPHATE" ? 'C10 H14 N5 O6 P'   331.222 
DC  'DNA linking' y "2'-DEOXYCYTIDINE-5'-MONOPHOSPHATE" ? 'C9 H14 N3 O7 P'    307.197 
DG  'DNA linking' y "2'-DEOXYGUANOSINE-5'-MONOPHOSPHATE" ? 'C10 H14 N5 O7 P'   347.221 
HOH non-polymer   . WATER ? 'H2 O'              18.015  
LR6 'DNA linking' . 
;[(1R,3R,4R,7S)-5-(N'-tert-butyl-N-methyl-carbamimidoyl)-3-[5-methyl-2,4-bis(oxidanylidene)pyrimidin-1-yl]-7-oxidanyl-2-oxa-5-azabicyclo[2.2.1]heptan-1-yl]methyl dihydrogen phosphate
;
? 'C17 H28 N5 O8 P'   461.407 
# 
_exptl.absorpt_coefficient_mu     ? 
_exptl.absorpt_correction_T_max   ? 
_exptl.absorpt_correction_T_min   ? 
_exptl.absorpt_correction_type    ? 
_exptl.absorpt_process_details    ? 
_exptl.entry_id                   8HU5 
_exptl.crystals_number            1 
_exptl.details                    ? 
_exptl.method                     'X-RAY DIFFRACTION' 
_exptl.method_details             ? 
# 
_exptl_crystal.colour                       ? 
_exptl_crystal.density_diffrn               ? 
_exptl_crystal.density_Matthews             2.11 
_exptl_crystal.density_method               ? 
_exptl_crystal.density_percent_sol          41.69 
_exptl_crystal.description                  ? 
_exptl_crystal.F_000                        ? 
_exptl_crystal.id                           1 
_exptl_crystal.preparation                  ? 
_exptl_crystal.size_max                     ? 
_exptl_crystal.size_mid                     ? 
_exptl_crystal.size_min                     ? 
_exptl_crystal.size_rad                     ? 
_exptl_crystal.colour_lustre                ? 
_exptl_crystal.colour_modifier              ? 
_exptl_crystal.colour_primary               ? 
_exptl_crystal.density_meas                 ? 
_exptl_crystal.density_meas_esd             ? 
_exptl_crystal.density_meas_gt              ? 
_exptl_crystal.density_meas_lt              ? 
_exptl_crystal.density_meas_temp            ? 
_exptl_crystal.density_meas_temp_esd        ? 
_exptl_crystal.density_meas_temp_gt         ? 
_exptl_crystal.density_meas_temp_lt         ? 
_exptl_crystal.pdbx_crystal_image_url       ? 
_exptl_crystal.pdbx_crystal_image_format    ? 
_exptl_crystal.pdbx_mosaicity               ? 
_exptl_crystal.pdbx_mosaicity_esd           ? 
_exptl_crystal.pdbx_mosaic_method           ? 
_exptl_crystal.pdbx_mosaic_block_size       ? 
_exptl_crystal.pdbx_mosaic_block_size_esd   ? 
# 
_exptl_crystal_grow.apparatus       ? 
_exptl_crystal_grow.atmosphere      ? 
_exptl_crystal_grow.crystal_id      1 
_exptl_crystal_grow.details         ? 
_exptl_crystal_grow.method          'VAPOR DIFFUSION, HANGING DROP' 
_exptl_crystal_grow.method_ref      ? 
_exptl_crystal_grow.pH              6.0 
_exptl_crystal_grow.pressure        ? 
_exptl_crystal_grow.pressure_esd    ? 
_exptl_crystal_grow.seeding         ? 
_exptl_crystal_grow.seeding_ref     ? 
_exptl_crystal_grow.temp_details    ? 
_exptl_crystal_grow.temp_esd        ? 
_exptl_crystal_grow.time            ? 
_exptl_crystal_grow.pdbx_details    
;10% v/v (+/-)-2-Methyl-2,4-pentanediol, 0.040M Sodium cacodylate trihydrate pH 6.0, 0.012M Spermine tetrahydrochloride, 0.012M Sodium chloride, 0.080M Potassium chloride
;
_exptl_crystal_grow.pdbx_pH_range   ? 
_exptl_crystal_grow.temp            293.15 
# 
_diffrn.ambient_environment              ? 
_diffrn.ambient_temp                     90 
_diffrn.ambient_temp_details             ? 
_diffrn.ambient_temp_esd                 ? 
_diffrn.crystal_id                       1 
_diffrn.crystal_support                  ? 
_diffrn.crystal_treatment                ? 
_diffrn.details                          ? 
_diffrn.id                               1 
_diffrn.ambient_pressure                 ? 
_diffrn.ambient_pressure_esd             ? 
_diffrn.ambient_pressure_gt              ? 
_diffrn.ambient_pressure_lt              ? 
_diffrn.ambient_temp_gt                  ? 
_diffrn.ambient_temp_lt                  ? 
_diffrn.pdbx_serial_crystal_experiment   N 
# 
_diffrn_detector.details                      ? 
_diffrn_detector.detector                     PIXEL 
_diffrn_detector.diffrn_id                    1 
_diffrn_detector.type                         'DECTRIS EIGER X 16M' 
_diffrn_detector.area_resol_mean              ? 
_diffrn_detector.dtime                        ? 
_diffrn_detector.pdbx_frames_total            ? 
_diffrn_detector.pdbx_collection_time_total   ? 
_diffrn_detector.pdbx_collection_date         2019-06-26 
_diffrn_detector.pdbx_frequency               ? 
# 
_diffrn_radiation.collimation                      ? 
_diffrn_radiation.diffrn_id                        1 
_diffrn_radiation.filter_edge                      ? 
_diffrn_radiation.inhomogeneity                    ? 
_diffrn_radiation.monochromator                    ? 
_diffrn_radiation.polarisn_norm                    ? 
_diffrn_radiation.polarisn_ratio                   ? 
_diffrn_radiation.probe                            ? 
_diffrn_radiation.type                             ? 
_diffrn_radiation.xray_symbol                      ? 
_diffrn_radiation.wavelength_id                    1 
_diffrn_radiation.pdbx_monochromatic_or_laue_m_l   M 
_diffrn_radiation.pdbx_wavelength_list             ? 
_diffrn_radiation.pdbx_wavelength                  ? 
_diffrn_radiation.pdbx_diffrn_protocol             'SINGLE WAVELENGTH' 
_diffrn_radiation.pdbx_analyzer                    ? 
_diffrn_radiation.pdbx_scattering_type             x-ray 
# 
_diffrn_radiation_wavelength.id           1 
_diffrn_radiation_wavelength.wavelength   0.9199 
_diffrn_radiation_wavelength.wt           1.0 
# 
_diffrn_source.current                     ? 
_diffrn_source.details                     ? 
_diffrn_source.diffrn_id                   1 
_diffrn_source.power                       ? 
_diffrn_source.size                        ? 
_diffrn_source.source                      SYNCHROTRON 
_diffrn_source.target                      ? 
_diffrn_source.type                        'SPRING-8 BEAMLINE BL44XU' 
_diffrn_source.voltage                     ? 
_diffrn_source.take-off_angle              ? 
_diffrn_source.pdbx_wavelength_list        0.9199 
_diffrn_source.pdbx_wavelength             ? 
_diffrn_source.pdbx_synchrotron_beamline   BL44XU 
_diffrn_source.pdbx_synchrotron_site       SPring-8 
# 
_reflns.B_iso_Wilson_estimate                          ? 
_reflns.entry_id                                       8HU5 
_reflns.data_reduction_details                         ? 
_reflns.data_reduction_method                          ? 
_reflns.d_resolution_high                              0.93 
_reflns.d_resolution_low                               21.1 
_reflns.details                                        ? 
_reflns.limit_h_max                                    ? 
_reflns.limit_h_min                                    ? 
_reflns.limit_k_max                                    ? 
_reflns.limit_k_min                                    ? 
_reflns.limit_l_max                                    ? 
_reflns.limit_l_min                                    ? 
_reflns.number_all                                     ? 
_reflns.number_obs                                     27813 
_reflns.observed_criterion                             ? 
_reflns.observed_criterion_F_max                       ? 
_reflns.observed_criterion_F_min                       ? 
_reflns.observed_criterion_I_max                       ? 
_reflns.observed_criterion_I_min                       ? 
_reflns.observed_criterion_sigma_F                     ? 
_reflns.observed_criterion_sigma_I                     ? 
_reflns.percent_possible_obs                           97.7 
_reflns.R_free_details                                 ? 
_reflns.Rmerge_F_all                                   ? 
_reflns.Rmerge_F_obs                                   ? 
_reflns.Friedel_coverage                               ? 
_reflns.number_gt                                      ? 
_reflns.threshold_expression                           ? 
_reflns.pdbx_redundancy                                6.56 
_reflns.pdbx_netI_over_av_sigmaI                       ? 
_reflns.pdbx_netI_over_sigmaI                          15.97 
_reflns.pdbx_res_netI_over_av_sigmaI_2                 ? 
_reflns.pdbx_res_netI_over_sigmaI_2                    ? 
_reflns.pdbx_chi_squared                               ? 
_reflns.pdbx_scaling_rejects                           ? 
_reflns.pdbx_d_res_high_opt                            ? 
_reflns.pdbx_d_res_low_opt                             ? 
_reflns.pdbx_d_res_opt_method                          ? 
_reflns.phase_calculation_details                      ? 
_reflns.pdbx_Rrim_I_all                                0.09 
_reflns.pdbx_Rpim_I_all                                ? 
_reflns.pdbx_d_opt                                     ? 
_reflns.pdbx_number_measured_all                       ? 
_reflns.pdbx_diffrn_id                                 1 
_reflns.pdbx_ordinal                                   1 
_reflns.pdbx_CC_half                                   0.99 
_reflns.pdbx_CC_star                                   ? 
_reflns.pdbx_R_split                                   ? 
_reflns.pdbx_Rmerge_I_obs                              0.083 
_reflns.pdbx_Rmerge_I_all                              ? 
_reflns.pdbx_Rsym_value                                ? 
_reflns.pdbx_CC_split_method                           ? 
_reflns.pdbx_aniso_diffraction_limit_axis_1_ortho[1]   ? 
_reflns.pdbx_aniso_diffraction_limit_axis_1_ortho[2]   ? 
_reflns.pdbx_aniso_diffraction_limit_axis_1_ortho[3]   ? 
_reflns.pdbx_aniso_diffraction_limit_axis_2_ortho[1]   ? 
_reflns.pdbx_aniso_diffraction_limit_axis_2_ortho[2]   ? 
_reflns.pdbx_aniso_diffraction_limit_axis_2_ortho[3]   ? 
_reflns.pdbx_aniso_diffraction_limit_axis_3_ortho[1]   ? 
_reflns.pdbx_aniso_diffraction_limit_axis_3_ortho[2]   ? 
_reflns.pdbx_aniso_diffraction_limit_axis_3_ortho[3]   ? 
_reflns.pdbx_aniso_diffraction_limit_1                 ? 
_reflns.pdbx_aniso_diffraction_limit_2                 ? 
_reflns.pdbx_aniso_diffraction_limit_3                 ? 
_reflns.pdbx_aniso_B_tensor_eigenvector_1_ortho[1]     ? 
_reflns.pdbx_aniso_B_tensor_eigenvector_1_ortho[2]     ? 
_reflns.pdbx_aniso_B_tensor_eigenvector_1_ortho[3]     ? 
_reflns.pdbx_aniso_B_tensor_eigenvector_2_ortho[1]     ? 
_reflns.pdbx_aniso_B_tensor_eigenvector_2_ortho[2]     ? 
_reflns.pdbx_aniso_B_tensor_eigenvector_2_ortho[3]     ? 
_reflns.pdbx_aniso_B_tensor_eigenvector_3_ortho[1]     ? 
_reflns.pdbx_aniso_B_tensor_eigenvector_3_ortho[2]     ? 
_reflns.pdbx_aniso_B_tensor_eigenvector_3_ortho[3]     ? 
_reflns.pdbx_aniso_B_tensor_eigenvalue_1               ? 
_reflns.pdbx_aniso_B_tensor_eigenvalue_2               ? 
_reflns.pdbx_aniso_B_tensor_eigenvalue_3               ? 
_reflns.pdbx_orthogonalization_convention              ? 
_reflns.pdbx_percent_possible_ellipsoidal              ? 
_reflns.pdbx_percent_possible_spherical                ? 
_reflns.pdbx_percent_possible_ellipsoidal_anomalous    ? 
_reflns.pdbx_percent_possible_spherical_anomalous      ? 
_reflns.pdbx_redundancy_anomalous                      ? 
_reflns.pdbx_CC_half_anomalous                         ? 
_reflns.pdbx_absDiff_over_sigma_anomalous              ? 
_reflns.pdbx_percent_possible_anomalous                ? 
_reflns.pdbx_observed_signal_threshold                 ? 
_reflns.pdbx_signal_type                               ? 
_reflns.pdbx_signal_details                            ? 
_reflns.pdbx_signal_software_id                        ? 
# 
loop_
_reflns_shell.d_res_high 
_reflns_shell.d_res_low 
_reflns_shell.meanI_over_sigI_all 
_reflns_shell.meanI_over_sigI_obs 
_reflns_shell.number_measured_all 
_reflns_shell.number_measured_obs 
_reflns_shell.number_possible 
_reflns_shell.number_unique_all 
_reflns_shell.number_unique_obs 
_reflns_shell.percent_possible_obs 
_reflns_shell.Rmerge_F_all 
_reflns_shell.Rmerge_F_obs 
_reflns_shell.meanI_over_sigI_gt 
_reflns_shell.meanI_over_uI_all 
_reflns_shell.meanI_over_uI_gt 
_reflns_shell.number_measured_gt 
_reflns_shell.number_unique_gt 
_reflns_shell.percent_possible_gt 
_reflns_shell.Rmerge_F_gt 
_reflns_shell.Rmerge_I_gt 
_reflns_shell.pdbx_redundancy 
_reflns_shell.pdbx_chi_squared 
_reflns_shell.pdbx_netI_over_sigmaI_all 
_reflns_shell.pdbx_netI_over_sigmaI_obs 
_reflns_shell.pdbx_Rrim_I_all 
_reflns_shell.pdbx_Rpim_I_all 
_reflns_shell.pdbx_rejects 
_reflns_shell.pdbx_ordinal 
_reflns_shell.pdbx_diffrn_id 
_reflns_shell.pdbx_CC_half 
_reflns_shell.pdbx_CC_star 
_reflns_shell.pdbx_R_split 
_reflns_shell.percent_possible_all 
_reflns_shell.Rmerge_I_all 
_reflns_shell.Rmerge_I_obs 
_reflns_shell.pdbx_Rsym_value 
_reflns_shell.pdbx_percent_possible_ellipsoidal 
_reflns_shell.pdbx_percent_possible_spherical 
_reflns_shell.pdbx_percent_possible_ellipsoidal_anomalous 
_reflns_shell.pdbx_percent_possible_spherical_anomalous 
_reflns_shell.pdbx_redundancy_anomalous 
_reflns_shell.pdbx_CC_half_anomalous 
_reflns_shell.pdbx_absDiff_over_sigma_anomalous 
_reflns_shell.pdbx_percent_possible_anomalous 
0.93 0.99 ? ? ? ? ? ? 3969 ? ? ? ? ? ? ? ? ? ? ? ? ? ? ? 0.281               ? ? 1 1 0.9259999999999999 ? ? ? ? 0.237 ? ? ? ? ? ? 
? ? ? 
0.99 1.06 ? ? ? ? ? ? 4352 ? ? ? ? ? ? ? ? ? ? ? ? ? ? ? 0.159               ? ? 2 1 0.988              ? ? ? ? 0.147 ? ? ? ? ? ? 
? ? ? 
1.06 1.14 ? ? ? ? ? ? 4016 ? ? ? ? ? ? ? ? ? ? ? ? ? ? ? 0.106               ? ? 3 1 0.9940000000000001 ? ? ? ? 0.099 ? ? ? ? ? ? 
? ? ? 
1.14 1.25 ? ? ? ? ? ? 3685 ? ? ? ? ? ? ? ? ? ? ? ? ? ? ? 0.08800000000000001 ? ? 4 1 0.996              ? ? ? ? 0.081 ? ? ? ? ? ? 
? ? ? 
1.25 1.4  ? ? ? ? ? ? 3349 ? ? ? ? ? ? ? ? ? ? ? ? ? ? ? 0.086               ? ? 5 1 0.996              ? ? ? ? 0.08 ? ? ? ? ? ? ? 
? ? 
1.40 1.61 ? ? ? ? ? ? 2961 ? ? ? ? ? ? ? ? ? ? ? ? ? ? ? 0.081               ? ? 6 1 0.997              ? ? ? ? 0.075 ? ? ? ? ? ? 
? ? ? 
1.61 1.97 ? ? ? ? ? ? 2493 ? ? ? ? ? ? ? ? ? ? ? ? ? ? ? 0.07200000000000001 ? ? 7 1 0.997              ? ? ? ? 0.067 ? ? ? ? ? ? 
? ? ? 
1.97 2.77 ? ? ? ? ? ? 1931 ? ? ? ? ? ? ? ? ? ? ? ? ? ? ? 0.079               ? ? 8 1 0.992              ? ? ? ? 0.073 ? ? ? ? ? ? 
? ? ? 
2.77 10   ? ? ? ? ? ? 1057 ? ? ? ? ? ? ? ? ? ? ? ? ? ? ? 0.115               ? ? 9 1 0.977              ? ? ? ? 
0.10300000000000001 ? ? ? ? ? ? ? ? ? 
# 
_refine.aniso_B[1][1]                            ? 
_refine.aniso_B[1][2]                            ? 
_refine.aniso_B[1][3]                            ? 
_refine.aniso_B[2][2]                            ? 
_refine.aniso_B[2][3]                            ? 
_refine.aniso_B[3][3]                            ? 
_refine.B_iso_max                                ? 
_refine.B_iso_mean                               ? 
_refine.B_iso_min                                ? 
_refine.correlation_coeff_Fo_to_Fc               ? 
_refine.correlation_coeff_Fo_to_Fc_free          ? 
_refine.details                                  ? 
_refine.diff_density_max                         ? 
_refine.diff_density_max_esd                     ? 
_refine.diff_density_min                         ? 
_refine.diff_density_min_esd                     ? 
_refine.diff_density_rms                         ? 
_refine.diff_density_rms_esd                     ? 
_refine.entry_id                                 8HU5 
_refine.pdbx_refine_id                           'X-RAY DIFFRACTION' 
_refine.ls_abs_structure_details                 ? 
_refine.ls_abs_structure_Flack                   ? 
_refine.ls_abs_structure_Flack_esd               ? 
_refine.ls_abs_structure_Rogers                  ? 
_refine.ls_abs_structure_Rogers_esd              ? 
_refine.ls_d_res_high                            0.93 
_refine.ls_d_res_low                             21.10 
_refine.ls_extinction_coef                       ? 
_refine.ls_extinction_coef_esd                   ? 
_refine.ls_extinction_expression                 ? 
_refine.ls_extinction_method                     ? 
_refine.ls_goodness_of_fit_all                   ? 
_refine.ls_goodness_of_fit_all_esd               ? 
_refine.ls_goodness_of_fit_obs                   ? 
_refine.ls_goodness_of_fit_obs_esd               ? 
_refine.ls_hydrogen_treatment                    ? 
_refine.ls_matrix_type                           ? 
_refine.ls_number_constraints                    ? 
_refine.ls_number_parameters                     ? 
_refine.ls_number_reflns_all                     ? 
_refine.ls_number_reflns_obs                     27813 
_refine.ls_number_reflns_R_free                  2778 
_refine.ls_number_reflns_R_work                  ? 
_refine.ls_number_restraints                     ? 
_refine.ls_percent_reflns_obs                    97.73 
_refine.ls_percent_reflns_R_free                 9.99 
_refine.ls_R_factor_all                          ? 
_refine.ls_R_factor_obs                          0.1944 
_refine.ls_R_factor_R_free                       0.2134 
_refine.ls_R_factor_R_free_error                 ? 
_refine.ls_R_factor_R_free_error_details         ? 
_refine.ls_R_factor_R_work                       0.1923 
_refine.ls_R_Fsqd_factor_obs                     ? 
_refine.ls_R_I_factor_obs                        ? 
_refine.ls_redundancy_reflns_all                 ? 
_refine.ls_redundancy_reflns_obs                 ? 
_refine.ls_restrained_S_all                      ? 
_refine.ls_restrained_S_obs                      ? 
_refine.ls_shift_over_esd_max                    ? 
_refine.ls_shift_over_esd_mean                   ? 
_refine.ls_structure_factor_coef                 ? 
_refine.ls_weighting_details                     ? 
_refine.ls_weighting_scheme                      ? 
_refine.ls_wR_factor_all                         ? 
_refine.ls_wR_factor_obs                         ? 
_refine.ls_wR_factor_R_free                      ? 
_refine.ls_wR_factor_R_work                      ? 
_refine.occupancy_max                            ? 
_refine.occupancy_min                            ? 
_refine.solvent_model_details                    'FLAT BULK SOLVENT MODEL' 
_refine.solvent_model_param_bsol                 ? 
_refine.solvent_model_param_ksol                 ? 
_refine.pdbx_R_complete                          ? 
_refine.ls_R_factor_gt                           ? 
_refine.ls_goodness_of_fit_gt                    ? 
_refine.ls_goodness_of_fit_ref                   ? 
_refine.ls_shift_over_su_max                     ? 
_refine.ls_shift_over_su_max_lt                  ? 
_refine.ls_shift_over_su_mean                    ? 
_refine.ls_shift_over_su_mean_lt                 ? 
_refine.pdbx_ls_sigma_I                          ? 
_refine.pdbx_ls_sigma_F                          1.41 
_refine.pdbx_ls_sigma_Fsqd                       ? 
_refine.pdbx_data_cutoff_high_absF               ? 
_refine.pdbx_data_cutoff_high_rms_absF           ? 
_refine.pdbx_data_cutoff_low_absF                ? 
_refine.pdbx_isotropic_thermal_model             ? 
_refine.pdbx_ls_cross_valid_method               THROUGHOUT 
_refine.pdbx_method_to_determine_struct          SAD 
_refine.pdbx_starting_model                      ? 
_refine.pdbx_stereochemistry_target_values       ML 
_refine.pdbx_R_Free_selection_details            ? 
_refine.pdbx_stereochem_target_val_spec_case     ? 
_refine.pdbx_overall_ESU_R                       ? 
_refine.pdbx_overall_ESU_R_Free                  ? 
_refine.pdbx_solvent_vdw_probe_radii             1.11 
_refine.pdbx_solvent_ion_probe_radii             ? 
_refine.pdbx_solvent_shrinkage_radii             0.90 
_refine.pdbx_real_space_R                        ? 
_refine.pdbx_density_correlation                 ? 
_refine.pdbx_pd_number_of_powder_patterns        ? 
_refine.pdbx_pd_number_of_points                 ? 
_refine.pdbx_pd_meas_number_of_points            ? 
_refine.pdbx_pd_proc_ls_prof_R_factor            ? 
_refine.pdbx_pd_proc_ls_prof_wR_factor           ? 
_refine.pdbx_pd_Marquardt_correlation_coeff      ? 
_refine.pdbx_pd_Fsqrd_R_factor                   ? 
_refine.pdbx_pd_ls_matrix_band_width             ? 
_refine.pdbx_overall_phase_error                 22.27 
_refine.pdbx_overall_SU_R_free_Cruickshank_DPI   ? 
_refine.pdbx_overall_SU_R_free_Blow_DPI          ? 
_refine.pdbx_overall_SU_R_Blow_DPI               ? 
_refine.pdbx_TLS_residual_ADP_flag               ? 
_refine.pdbx_diffrn_id                           1 
_refine.overall_SU_B                             ? 
_refine.overall_SU_ML                            0.11 
_refine.overall_SU_R_Cruickshank_DPI             ? 
_refine.overall_SU_R_free                        ? 
_refine.overall_FOM_free_R_set                   ? 
_refine.overall_FOM_work_R_set                   ? 
_refine.pdbx_average_fsc_overall                 ? 
_refine.pdbx_average_fsc_work                    ? 
_refine.pdbx_average_fsc_free                    ? 
# 
_refine_hist.pdbx_refine_id                   'X-RAY DIFFRACTION' 
_refine_hist.cycle_id                         LAST 
_refine_hist.details                          ? 
_refine_hist.d_res_high                       0.93 
_refine_hist.d_res_low                        21.10 
_refine_hist.number_atoms_solvent             51 
_refine_hist.number_atoms_total               222 
_refine_hist.number_reflns_all                ? 
_refine_hist.number_reflns_obs                ? 
_refine_hist.number_reflns_R_free             ? 
_refine_hist.number_reflns_R_work             ? 
_refine_hist.R_factor_all                     ? 
_refine_hist.R_factor_obs                     ? 
_refine_hist.R_factor_R_free                  ? 
_refine_hist.R_factor_R_work                  ? 
_refine_hist.pdbx_number_residues_total       ? 
_refine_hist.pdbx_B_iso_mean_ligand           ? 
_refine_hist.pdbx_B_iso_mean_solvent          ? 
_refine_hist.pdbx_number_atoms_protein        0 
_refine_hist.pdbx_number_atoms_nucleic_acid   171 
_refine_hist.pdbx_number_atoms_ligand         0 
_refine_hist.pdbx_number_atoms_lipid          ? 
_refine_hist.pdbx_number_atoms_carb           ? 
_refine_hist.pdbx_pseudo_atom_details         ? 
# 
loop_
_refine_ls_restr.pdbx_refine_id 
_refine_ls_restr.criterion 
_refine_ls_restr.dev_ideal 
_refine_ls_restr.dev_ideal_target 
_refine_ls_restr.number 
_refine_ls_restr.rejects 
_refine_ls_restr.type 
_refine_ls_restr.weight 
_refine_ls_restr.pdbx_restraint_function 
'X-RAY DIFFRACTION' ? 0.008  ? 191 ? f_bond_d           ? ? 
'X-RAY DIFFRACTION' ? 2.399  ? 296 ? f_angle_d          ? ? 
'X-RAY DIFFRACTION' ? 23.321 ? 85  ? f_dihedral_angle_d ? ? 
'X-RAY DIFFRACTION' ? 0.088  ? 31  ? f_chiral_restr     ? ? 
'X-RAY DIFFRACTION' ? 0.017  ? 10  ? f_plane_restr      ? ? 
# 
loop_
_refine_ls_shell.pdbx_refine_id 
_refine_ls_shell.d_res_high 
_refine_ls_shell.d_res_low 
_refine_ls_shell.number_reflns_all 
_refine_ls_shell.number_reflns_obs 
_refine_ls_shell.number_reflns_R_free 
_refine_ls_shell.number_reflns_R_work 
_refine_ls_shell.percent_reflns_obs 
_refine_ls_shell.percent_reflns_R_free 
_refine_ls_shell.R_factor_all 
_refine_ls_shell.R_factor_obs 
_refine_ls_shell.R_factor_R_free_error 
_refine_ls_shell.R_factor_R_work 
_refine_ls_shell.redundancy_reflns_all 
_refine_ls_shell.redundancy_reflns_obs 
_refine_ls_shell.wR_factor_all 
_refine_ls_shell.wR_factor_obs 
_refine_ls_shell.wR_factor_R_free 
_refine_ls_shell.wR_factor_R_work 
_refine_ls_shell.pdbx_R_complete 
_refine_ls_shell.pdbx_total_number_of_bins_used 
_refine_ls_shell.pdbx_phase_error 
_refine_ls_shell.pdbx_fsc_work 
_refine_ls_shell.pdbx_fsc_free 
_refine_ls_shell.R_factor_R_free 
'X-RAY DIFFRACTION' 0.93 0.95 . . 87  794  62.00  . . . . 0.3031 . . . . . . . . . . . 0.2761 
'X-RAY DIFFRACTION' 0.95 0.96 . . 138 1241 95.00  . . . . 0.2928 . . . . . . . . . . . 0.3228 
'X-RAY DIFFRACTION' 0.96 0.98 . . 135 1272 99.00  . . . . 0.2793 . . . . . . . . . . . 0.2963 
'X-RAY DIFFRACTION' 0.98 1.00 . . 144 1263 100.00 . . . . 0.2508 . . . . . . . . . . . 0.2956 
'X-RAY DIFFRACTION' 1.00 1.03 . . 144 1272 100.00 . . . . 0.2422 . . . . . . . . . . . 0.2460 
'X-RAY DIFFRACTION' 1.03 1.05 . . 138 1293 100.00 . . . . 0.2468 . . . . . . . . . . . 0.3015 
'X-RAY DIFFRACTION' 1.05 1.08 . . 142 1278 100.00 . . . . 0.2342 . . . . . . . . . . . 0.2676 
'X-RAY DIFFRACTION' 1.08 1.10 . . 143 1275 100.00 . . . . 0.2303 . . . . . . . . . . . 0.2418 
'X-RAY DIFFRACTION' 1.10 1.14 . . 141 1299 100.00 . . . . 0.2141 . . . . . . . . . . . 0.2669 
'X-RAY DIFFRACTION' 1.14 1.17 . . 145 1265 100.00 . . . . 0.2084 . . . . . . . . . . . 0.2211 
'X-RAY DIFFRACTION' 1.17 1.22 . . 140 1290 100.00 . . . . 0.2044 . . . . . . . . . . . 0.2337 
'X-RAY DIFFRACTION' 1.22 1.26 . . 137 1274 100.00 . . . . 0.1945 . . . . . . . . . . . 0.1970 
'X-RAY DIFFRACTION' 1.26 1.32 . . 148 1287 100.00 . . . . 0.1988 . . . . . . . . . . . 0.1972 
'X-RAY DIFFRACTION' 1.32 1.39 . . 142 1262 100.00 . . . . 0.2036 . . . . . . . . . . . 0.2211 
'X-RAY DIFFRACTION' 1.39 1.48 . . 143 1285 100.00 . . . . 0.1981 . . . . . . . . . . . 0.2298 
'X-RAY DIFFRACTION' 1.48 1.59 . . 140 1283 100.00 . . . . 0.1851 . . . . . . . . . . . 0.2032 
'X-RAY DIFFRACTION' 1.59 1.75 . . 146 1291 100.00 . . . . 0.1556 . . . . . . . . . . . 0.1800 
'X-RAY DIFFRACTION' 1.75 2.01 . . 144 1275 100.00 . . . . 0.1712 . . . . . . . . . . . 0.1896 
'X-RAY DIFFRACTION' 2.01 2.53 . . 136 1276 100.00 . . . . 0.1814 . . . . . . . . . . . 0.2162 
'X-RAY DIFFRACTION' 2.53 10   . . 145 1260 98.00  . . . . 0.1846 . . . . . . . . . . . 0.1995 
# 
_struct.entry_id                     8HU5 
_struct.title                        'Crystal structure of DNA octamer containing GuNA[Me,tBu]' 
_struct.pdbx_model_details           ? 
_struct.pdbx_formula_weight          ? 
_struct.pdbx_formula_weight_method   ? 
_struct.pdbx_model_type_details      ? 
_struct.pdbx_CASP_flag               N 
# 
_struct_keywords.entry_id        8HU5 
_struct_keywords.text            'DNA, OLIGONUCLEOTIDE, MODIFIED BASE, Artificial nucleic acid' 
_struct_keywords.pdbx_keywords   DNA 
# 
loop_
_struct_asym.id 
_struct_asym.pdbx_blank_PDB_chainid_flag 
_struct_asym.pdbx_modified 
_struct_asym.entity_id 
_struct_asym.details 
A N N 1 ? 
B N N 2 ? 
# 
loop_
_struct_conn.id 
_struct_conn.conn_type_id 
_struct_conn.pdbx_leaving_atom_flag 
_struct_conn.pdbx_PDB_id 
_struct_conn.ptnr1_label_asym_id 
_struct_conn.ptnr1_label_comp_id 
_struct_conn.ptnr1_label_seq_id 
_struct_conn.ptnr1_label_atom_id 
_struct_conn.pdbx_ptnr1_label_alt_id 
_struct_conn.pdbx_ptnr1_PDB_ins_code 
_struct_conn.pdbx_ptnr1_standard_comp_id 
_struct_conn.ptnr1_symmetry 
_struct_conn.ptnr2_label_asym_id 
_struct_conn.ptnr2_label_comp_id 
_struct_conn.ptnr2_label_seq_id 
_struct_conn.ptnr2_label_atom_id 
_struct_conn.pdbx_ptnr2_label_alt_id 
_struct_conn.pdbx_ptnr2_PDB_ins_code 
_struct_conn.ptnr1_auth_asym_id 
_struct_conn.ptnr1_auth_comp_id 
_struct_conn.ptnr1_auth_seq_id 
_struct_conn.ptnr2_auth_asym_id 
_struct_conn.ptnr2_auth_comp_id 
_struct_conn.ptnr2_auth_seq_id 
_struct_conn.ptnr2_symmetry 
_struct_conn.pdbx_ptnr3_label_atom_id 
_struct_conn.pdbx_ptnr3_label_seq_id 
_struct_conn.pdbx_ptnr3_label_comp_id 
_struct_conn.pdbx_ptnr3_label_asym_id 
_struct_conn.pdbx_ptnr3_label_alt_id 
_struct_conn.pdbx_ptnr3_PDB_ins_code 
_struct_conn.details 
_struct_conn.pdbx_dist_value 
_struct_conn.pdbx_value_order 
_struct_conn.pdbx_role 
covale1  covale both ? A DG  1 "O3'" ? ? ? 1_555 A LR6 2 P  ? ? A DG  1 A LR6 2 1_555 ? ? ? ? ? ? ?            1.601 ? ? 
covale2  covale both ? A LR6 2 "O3'" ? ? ? 1_555 A DG  3 P  ? ? A LR6 2 A DG  3 1_555 ? ? ? ? ? ? ?            1.602 ? ? 
covale3  covale both ? A DG  3 "O3'" ? ? ? 1_555 A BRU 4 P  ? ? A DG  3 A BRU 4 1_555 ? ? ? ? ? ? ?            1.600 ? ? 
covale4  covale both ? A BRU 4 "O3'" ? ? ? 1_555 A DA  5 P  ? ? A BRU 4 A DA  5 1_555 ? ? ? ? ? ? ?            1.598 ? ? 
hydrog1  hydrog ?    ? A DG  1 N1    ? ? ? 1_555 A DC  8 N3 ? ? A DG  1 A DC  8 8_665 ? ? ? ? ? ? WATSON-CRICK ?     ? ? 
hydrog2  hydrog ?    ? A DG  1 N2    ? ? ? 1_555 A DC  8 O2 ? ? A DG  1 A DC  8 8_665 ? ? ? ? ? ? WATSON-CRICK ?     ? ? 
hydrog3  hydrog ?    ? A DG  1 O6    ? ? ? 1_555 A DC  8 N4 ? ? A DG  1 A DC  8 8_665 ? ? ? ? ? ? WATSON-CRICK ?     ? ? 
hydrog4  hydrog ?    ? A DG  3 N1    ? ? ? 1_555 A DC  6 N3 ? ? A DG  3 A DC  6 8_665 ? ? ? ? ? ? WATSON-CRICK ?     ? ? 
hydrog5  hydrog ?    ? A DG  3 N2    ? ? ? 1_555 A DC  6 O2 ? ? A DG  3 A DC  6 8_665 ? ? ? ? ? ? WATSON-CRICK ?     ? ? 
hydrog6  hydrog ?    ? A DG  3 O6    ? ? ? 1_555 A DC  6 N4 ? ? A DG  3 A DC  6 8_665 ? ? ? ? ? ? WATSON-CRICK ?     ? ? 
hydrog7  hydrog ?    ? A BRU 4 N3    ? ? ? 1_555 A DA  5 N1 ? ? A BRU 4 A DA  5 8_665 ? ? ? ? ? ? WATSON-CRICK ?     ? ? 
hydrog8  hydrog ?    ? A BRU 4 O4    ? ? ? 1_555 A DA  5 N6 ? ? A BRU 4 A DA  5 8_665 ? ? ? ? ? ? WATSON-CRICK ?     ? ? 
hydrog9  hydrog ?    ? A DA  5 N1    ? ? ? 1_555 A BRU 4 N3 ? ? A DA  5 A BRU 4 8_665 ? ? ? ? ? ? WATSON-CRICK ?     ? ? 
hydrog10 hydrog ?    ? A DA  5 N6    ? ? ? 1_555 A BRU 4 O4 ? ? A DA  5 A BRU 4 8_665 ? ? ? ? ? ? WATSON-CRICK ?     ? ? 
hydrog11 hydrog ?    ? A DC  6 N3    ? ? ? 1_555 A DG  3 N1 ? ? A DC  6 A DG  3 8_665 ? ? ? ? ? ? WATSON-CRICK ?     ? ? 
hydrog12 hydrog ?    ? A DC  6 N4    ? ? ? 1_555 A DG  3 O6 ? ? A DC  6 A DG  3 8_665 ? ? ? ? ? ? WATSON-CRICK ?     ? ? 
hydrog13 hydrog ?    ? A DC  6 O2    ? ? ? 1_555 A DG  3 N2 ? ? A DC  6 A DG  3 8_665 ? ? ? ? ? ? WATSON-CRICK ?     ? ? 
hydrog14 hydrog ?    ? A DC  8 N3    ? ? ? 1_555 A DG  1 N1 ? ? A DC  8 A DG  1 8_665 ? ? ? ? ? ? WATSON-CRICK ?     ? ? 
hydrog15 hydrog ?    ? A DC  8 N4    ? ? ? 1_555 A DG  1 O6 ? ? A DC  8 A DG  1 8_665 ? ? ? ? ? ? WATSON-CRICK ?     ? ? 
hydrog16 hydrog ?    ? A DC  8 O2    ? ? ? 1_555 A DG  1 N2 ? ? A DC  8 A DG  1 8_665 ? ? ? ? ? ? WATSON-CRICK ?     ? ? 
# 
loop_
_struct_conn_type.id 
_struct_conn_type.criteria 
_struct_conn_type.reference 
covale ? ? 
hydrog ? ? 
# 
_atom_sites.entry_id                    8HU5 
_atom_sites.Cartn_transf_matrix[1][1]   ? 
_atom_sites.Cartn_transf_matrix[1][2]   ? 
_atom_sites.Cartn_transf_matrix[1][3]   ? 
_atom_sites.Cartn_transf_matrix[2][1]   ? 
_atom_sites.Cartn_transf_matrix[2][2]   ? 
_atom_sites.Cartn_transf_matrix[2][3]   ? 
_atom_sites.Cartn_transf_matrix[3][1]   ? 
_atom_sites.Cartn_transf_matrix[3][2]   ? 
_atom_sites.Cartn_transf_matrix[3][3]   ? 
_atom_sites.Cartn_transf_vector[1]      ? 
_atom_sites.Cartn_transf_vector[2]      ? 
_atom_sites.Cartn_transf_vector[3]      ? 
_atom_sites.fract_transf_matrix[1][1]   0.01329387 
_atom_sites.fract_transf_matrix[1][2]   -0.00853768 
_atom_sites.fract_transf_matrix[1][3]   -0.01744085 
_atom_sites.fract_transf_matrix[2][1]   0.01856597 
_atom_sites.fract_transf_matrix[2][2]   -0.00060544 
_atom_sites.fract_transf_matrix[2][3]   0.01444785 
_atom_sites.fract_transf_matrix[3][1]   -0.00994460 
_atom_sites.fract_transf_matrix[3][2]   -0.03831035 
_atom_sites.fract_transf_matrix[3][3]   0.01117373 
_atom_sites.fract_transf_vector[1]      0.770861 
_atom_sites.fract_transf_vector[2]      0.213094 
_atom_sites.fract_transf_vector[3]      0.153223 
_atom_sites.solution_primary            ? 
_atom_sites.solution_secondary          ? 
_atom_sites.solution_hydrogens          ? 
_atom_sites.special_details             ? 
# 
loop_
_atom_type.symbol 
BR 
C  
N  
O  
P  
# 
loop_
_atom_site.group_PDB 
_atom_site.id 
_atom_site.type_symbol 
_atom_site.label_atom_id 
_atom_site.label_alt_id 
_atom_site.label_comp_id 
_atom_site.label_asym_id 
_atom_site.label_entity_id 
_atom_site.label_seq_id 
_atom_site.pdbx_PDB_ins_code 
_atom_site.Cartn_x 
_atom_site.Cartn_y 
_atom_site.Cartn_z 
_atom_site.occupancy 
_atom_site.B_iso_or_equiv 
_atom_site.pdbx_formal_charge 
_atom_site.auth_seq_id 
_atom_site.auth_comp_id 
_atom_site.auth_asym_id 
_atom_site.auth_atom_id 
_atom_site.pdbx_PDB_model_num 
ATOM   1   O  "O5'"  . DG  A 1 1 ? -9.037  -7.835  -6.468  1.00 11.70 ? 1   DG  A "O5'"  1 
ATOM   2   C  "C5'"  . DG  A 1 1 ? -9.858  -7.652  -7.617  1.00 11.37 ? 1   DG  A "C5'"  1 
ATOM   3   C  "C4'"  . DG  A 1 1 ? -10.905 -6.579  -7.372  1.00 10.61 ? 1   DG  A "C4'"  1 
ATOM   4   O  "O4'"  . DG  A 1 1 ? -11.750 -6.961  -6.260  1.00 10.44 ? 1   DG  A "O4'"  1 
ATOM   5   C  "C3'"  . DG  A 1 1 ? -10.358 -5.213  -7.002  1.00 9.23  ? 1   DG  A "C3'"  1 
ATOM   6   O  "O3'"  . DG  A 1 1 ? -10.086 -4.478  -8.172  1.00 9.89  ? 1   DG  A "O3'"  1 
ATOM   7   C  "C2'"  . DG  A 1 1 ? -11.520 -4.612  -6.229  1.00 9.34  ? 1   DG  A "C2'"  1 
ATOM   8   C  "C1'"  . DG  A 1 1 ? -12.055 -5.823  -5.477  1.00 10.05 ? 1   DG  A "C1'"  1 
ATOM   9   N  N9     . DG  A 1 1 ? -11.444 -5.977  -4.170  1.00 9.62  ? 1   DG  A N9     1 
ATOM   10  C  C8     . DG  A 1 1 ? -10.558 -6.947  -3.777  1.00 9.95  ? 1   DG  A C8     1 
ATOM   11  N  N7     . DG  A 1 1 ? -10.168 -6.816  -2.542  1.00 10.27 ? 1   DG  A N7     1 
ATOM   12  C  C5     . DG  A 1 1 ? -10.826 -5.678  -2.098  1.00 9.80  ? 1   DG  A C5     1 
ATOM   13  C  C6     . DG  A 1 1 ? -10.794 -5.042  -0.842  1.00 8.33  ? 1   DG  A C6     1 
ATOM   14  O  O6     . DG  A 1 1 ? -10.147 -5.364  0.166   1.00 9.52  ? 1   DG  A O6     1 
ATOM   15  N  N1     . DG  A 1 1 ? -11.606 -3.913  -0.811  1.00 9.35  ? 1   DG  A N1     1 
ATOM   16  C  C2     . DG  A 1 1 ? -12.367 -3.463  -1.864  1.00 8.80  ? 1   DG  A C2     1 
ATOM   17  N  N2     . DG  A 1 1 ? -13.084 -2.351  -1.644  1.00 10.35 ? 1   DG  A N2     1 
ATOM   18  N  N3     . DG  A 1 1 ? -12.415 -4.056  -3.048  1.00 8.61  ? 1   DG  A N3     1 
ATOM   19  C  C4     . DG  A 1 1 ? -11.615 -5.152  -3.090  1.00 8.73  ? 1   DG  A C4     1 
HETATM 20  C  C2     . LR6 A 1 2 ? -9.123  -1.855  -1.764  1.00 8.15  ? 2   LR6 A C2     1 
HETATM 21  C  C4     . LR6 A 1 2 ? -7.796  -3.803  -1.585  1.00 8.62  ? 2   LR6 A C4     1 
HETATM 22  C  C5     . LR6 A 1 2 ? -7.946  -4.041  -3.030  1.00 8.17  ? 2   LR6 A C5     1 
HETATM 23  C  C6     . LR6 A 1 2 ? -8.705  -3.125  -3.743  1.00 8.64  ? 2   LR6 A C6     1 
HETATM 24  N  N1     . LR6 A 1 2 ? -9.281  -2.066  -3.133  1.00 7.41  ? 2   LR6 A N1     1 
HETATM 25  N  N3     . LR6 A 1 2 ? -8.400  -2.729  -1.049  1.00 8.66  ? 2   LR6 A N3     1 
HETATM 26  C  CD     . LR6 A 1 2 ? -11.056 1.962   -3.877  1.00 9.83  ? 2   LR6 A CD     1 
HETATM 27  C  "C1'"  . LR6 A 1 2 ? -10.088 -1.046  -3.829  1.00 8.30  ? 2   LR6 A "C1'"  1 
HETATM 28  C  "C2'"  . LR6 A 1 2 ? -9.301  0.231   -4.133  1.00 8.40  ? 2   LR6 A "C2'"  1 
HETATM 29  C  "C3'"  . LR6 A 1 2 ? -8.605  -0.221  -5.395  1.00 8.88  ? 2   LR6 A "C3'"  1 
HETATM 30  C  "C4'"  . LR6 A 1 2 ? -9.889  -0.642  -6.064  1.00 8.44  ? 2   LR6 A "C4'"  1 
HETATM 31  C  "C5'"  . LR6 A 1 2 ? -9.774  -1.314  -7.421  1.00 9.77  ? 2   LR6 A "C5'"  1 
HETATM 32  C  C5M    . LR6 A 1 2 ? -7.295  -5.235  -3.674  1.00 10.58 ? 2   LR6 A C5M    1 
HETATM 33  C  "C6'"  . LR6 A 1 2 ? -10.642 0.664   -6.018  1.00 9.36  ? 2   LR6 A "C6'"  1 
HETATM 34  C  "C7'"  . LR6 A 1 2 ? -11.752 3.594   -5.666  1.00 13.70 ? 2   LR6 A "C7'"  1 
HETATM 35  C  "C8'"  . LR6 A 1 2 ? -11.710 2.444   -1.474  1.00 11.96 ? 2   LR6 A "C8'"  1 
HETATM 36  C  "C9'"  . LR6 A 1 2 ? -11.154 3.868   -1.456  1.00 14.74 ? 2   LR6 A "C9'"  1 
HETATM 37  N  "N2'"  . LR6 A 1 2 ? -10.371 1.096   -4.640  1.00 9.03  ? 2   LR6 A "N2'"  1 
HETATM 38  N  "N3'"  . LR6 A 1 2 ? -11.669 2.978   -4.347  1.00 12.05 ? 2   LR6 A "N3'"  1 
HETATM 39  N  "N4'"  . LR6 A 1 2 ? -11.151 1.654   -2.570  1.00 10.25 ? 2   LR6 A "N4'"  1 
HETATM 40  O  O2     . LR6 A 1 2 ? -9.647  -0.848  -1.230  1.00 9.00  ? 2   LR6 A O2     1 
HETATM 41  O  "O3'"  . LR6 A 1 2 ? -8.021  0.849   -6.125  1.00 9.77  ? 2   LR6 A "O3'"  1 
HETATM 42  O  O4     . LR6 A 1 2 ? -7.130  -4.600  -0.882  1.00 9.24  ? 2   LR6 A O4     1 
HETATM 43  O  "O4'"  . LR6 A 1 2 ? -10.487 -1.524  -5.115  1.00 8.55  ? 2   LR6 A "O4'"  1 
HETATM 44  O  "O5'"  . LR6 A 1 2 ? -8.933  -2.441  -7.212  1.00 9.54  ? 2   LR6 A "O5'"  1 
HETATM 45  O  OP1    . LR6 A 1 2 ? -8.725  -3.012  -9.692  1.00 12.97 ? 2   LR6 A OP1    1 
HETATM 46  O  OP2    . LR6 A 1 2 ? -7.532  -4.358  -7.893  1.00 13.63 ? 2   LR6 A OP2    1 
HETATM 47  P  P      . LR6 A 1 2 ? -8.762  -3.586  -8.293  1.00 10.60 ? 2   LR6 A P      1 
HETATM 48  C  "C10'" . LR6 A 1 2 ? -13.232 2.452   -1.570  1.00 15.63 ? 2   LR6 A "C10'" 1 
HETATM 49  C  "C11'" . LR6 A 1 2 ? -11.331 1.764   -0.165  1.00 13.79 ? 2   LR6 A "C11'" 1 
ATOM   50  P  P      . DG  A 1 3 ? -6.469  1.206   -5.949  1.00 10.39 ? 3   DG  A P      1 
ATOM   51  O  OP1    . DG  A 1 3 ? -6.157  2.122   -7.071  1.00 13.44 ? 3   DG  A OP1    1 
ATOM   52  O  OP2    . DG  A 1 3 ? -5.711  -0.046  -5.754  1.00 12.00 ? 3   DG  A OP2    1 
ATOM   53  O  "O5'"  . DG  A 1 3 ? -6.409  2.001   -4.567  1.00 9.98  ? 3   DG  A "O5'"  1 
ATOM   54  C  "C5'"  . DG  A 1 3 ? -7.122  3.225   -4.396  1.00 10.03 ? 3   DG  A "C5'"  1 
ATOM   55  C  "C4'"  . DG  A 1 3 ? -7.330  3.530   -2.918  1.00 10.01 ? 3   DG  A "C4'"  1 
ATOM   56  O  "O4'"  . DG  A 1 3 ? -7.903  2.374   -2.266  1.00 10.67 ? 3   DG  A "O4'"  1 
ATOM   57  C  "C3'"  . DG  A 1 3 ? -6.070  3.828   -2.133  1.00 10.11 ? 3   DG  A "C3'"  1 
ATOM   58  O  "O3'"  . DG  A 1 3 ? -5.799  5.191   -2.211  1.00 11.09 ? 3   DG  A "O3'"  1 
ATOM   59  C  "C2'"  . DG  A 1 3 ? -6.477  3.443   -0.720  1.00 10.99 ? 3   DG  A "C2'"  1 
ATOM   60  C  "C1'"  . DG  A 1 3 ? -7.348  2.231   -0.977  1.00 10.30 ? 3   DG  A "C1'"  1 
ATOM   61  N  N9     . DG  A 1 3 ? -6.644  0.943   -0.887  1.00 9.69  ? 3   DG  A N9     1 
ATOM   62  C  C8     . DG  A 1 3 ? -6.367  0.049   -1.901  1.00 9.89  ? 3   DG  A C8     1 
ATOM   63  N  N7     . DG  A 1 3 ? -5.745  -1.028  -1.489  1.00 8.94  ? 3   DG  A N7     1 
ATOM   64  C  C5     . DG  A 1 3 ? -5.608  -0.833  -0.122  1.00 8.36  ? 3   DG  A C5     1 
ATOM   65  C  C6     . DG  A 1 3 ? -5.029  -1.657  0.876   1.00 8.23  ? 3   DG  A C6     1 
ATOM   66  O  O6     . DG  A 1 3 ? -4.507  -2.776  0.753   1.00 8.93  ? 3   DG  A O6     1 
ATOM   67  N  N1     . DG  A 1 3 ? -5.096  -1.058  2.138   1.00 8.20  ? 3   DG  A N1     1 
ATOM   68  C  C2     . DG  A 1 3 ? -5.665  0.172   2.402   1.00 8.67  ? 3   DG  A C2     1 
ATOM   69  N  N2     . DG  A 1 3 ? -5.634  0.591   3.679   1.00 9.16  ? 3   DG  A N2     1 
ATOM   70  N  N3     . DG  A 1 3 ? -6.215  0.938   1.481   1.00 9.64  ? 3   DG  A N3     1 
ATOM   71  C  C4     . DG  A 1 3 ? -6.154  0.380   0.251   1.00 9.88  ? 3   DG  A C4     1 
HETATM 72  N  N1     . BRU A 1 4 ? -3.070  2.662   2.357   1.00 8.33  ? 4   BRU A N1     1 
HETATM 73  C  C2     . BRU A 1 4 ? -2.465  1.596   3.034   1.00 8.23  ? 4   BRU A C2     1 
HETATM 74  N  N3     . BRU A 1 4 ? -2.086  0.502   2.348   1.00 7.63  ? 4   BRU A N3     1 
HETATM 75  C  C4     . BRU A 1 4 ? -2.222  0.359   1.020   1.00 8.00  ? 4   BRU A C4     1 
HETATM 76  C  C5     . BRU A 1 4 ? -2.834  1.486   0.316   1.00 9.38  ? 4   BRU A C5     1 
HETATM 77  C  C6     . BRU A 1 4 ? -3.240  2.600   1.026   1.00 9.21  ? 4   BRU A C6     1 
HETATM 78  O  O2     . BRU A 1 4 ? -2.265  1.686   4.263   1.00 9.11  ? 4   BRU A O2     1 
HETATM 79  O  O4     . BRU A 1 4 ? -1.880  -0.686  0.411   1.00 8.38  ? 4   BRU A O4     1 
HETATM 80  BR BR     . BRU A 1 4 ? -3.025  1.388   -1.538  0.74 11.04 ? 4   BRU A BR     1 
HETATM 81  C  "C1'"  . BRU A 1 4 ? -3.517  3.817   3.141   1.00 9.53  ? 4   BRU A "C1'"  1 
HETATM 82  C  "C2'"  . BRU A 1 4 ? -2.423  4.842   3.312   1.00 8.99  ? 4   BRU A "C2'"  1 
HETATM 83  C  "C3'"  . BRU A 1 4 ? -2.720  5.739   2.137   1.00 9.37  ? 4   BRU A "C3'"  1 
HETATM 84  C  "C4'"  . BRU A 1 4 ? -4.239  5.774   2.119   1.00 9.71  ? 4   BRU A "C4'"  1 
HETATM 85  O  "O3'"  . BRU A 1 4 ? -2.171  7.043   2.262   1.00 10.18 ? 4   BRU A "O3'"  1 
HETATM 86  O  "O4'"  . BRU A 1 4 ? -4.624  4.442   2.472   1.00 9.27  ? 4   BRU A "O4'"  1 
HETATM 87  C  "C5'"  . BRU A 1 4 ? -4.813  6.173   0.772   1.00 10.14 ? 4   BRU A "C5'"  1 
HETATM 88  O  "O5'"  . BRU A 1 4 ? -4.208  5.372   -0.235  1.00 10.65 ? 4   BRU A "O5'"  1 
HETATM 89  P  P      . BRU A 1 4 ? -4.363  5.751   -1.784  1.00 11.12 ? 4   BRU A P      1 
HETATM 90  O  OP1    . BRU A 1 4 ? -4.463  7.251   -1.899  1.00 14.16 ? 4   BRU A OP1    1 
HETATM 91  O  OP2    . BRU A 1 4 ? -3.290  5.076   -2.587  1.00 13.64 ? 4   BRU A OP2    1 
ATOM   92  P  P      . DA  A 1 5 ? -0.605  7.272   2.041   1.00 11.00 ? 5   DA  A P      1 
ATOM   93  O  OP1    . DA  A 1 5 ? -0.401  8.738   1.924   1.00 15.59 ? 5   DA  A OP1    1 
ATOM   94  O  OP2    . DA  A 1 5 ? -0.100  6.387   0.977   1.00 14.35 ? 5   DA  A OP2    1 
ATOM   95  O  "O5'"  . DA  A 1 5 ? 0.002   6.810   3.453   1.00 9.82  ? 5   DA  A "O5'"  1 
ATOM   96  C  "C5'"  . DA  A 1 5 ? 1.345   6.352   3.566   1.00 9.62  ? 5   DA  A "C5'"  1 
ATOM   97  C  "C4'"  . DA  A 1 5 ? 1.506   5.505   4.814   1.00 9.27  ? 5   DA  A "C4'"  1 
ATOM   98  O  "O4'"  . DA  A 1 5 ? 0.526   4.438   4.790   1.00 8.59  ? 5   DA  A "O4'"  1 
ATOM   99  C  "C3'"  . DA  A 1 5 ? 2.853   4.812   4.957   1.00 9.46  ? 5   DA  A "C3'"  1 
ATOM   100 O  "O3'"  . DA  A 1 5 ? 3.752   5.646   5.675   1.00 10.42 ? 5   DA  A "O3'"  1 
ATOM   101 C  "C2'"  . DA  A 1 5 ? 2.501   3.561   5.742   1.00 8.92  ? 5   DA  A "C2'"  1 
ATOM   102 C  "C1'"  . DA  A 1 5 ? 1.150   3.220   5.138   1.00 8.16  ? 5   DA  A "C1'"  1 
ATOM   103 N  N9     . DA  A 1 5 ? 1.204   2.376   3.935   1.00 8.09  ? 5   DA  A N9     1 
ATOM   104 C  C8     . DA  A 1 5 ? 0.860   2.737   2.652   1.00 8.11  ? 5   DA  A C8     1 
ATOM   105 N  N7     . DA  A 1 5 ? 0.933   1.756   1.785   1.00 7.98  ? 5   DA  A N7     1 
ATOM   106 C  C5     . DA  A 1 5 ? 1.344   0.675   2.549   1.00 7.04  ? 5   DA  A C5     1 
ATOM   107 C  C6     . DA  A 1 5 ? 1.599   -0.663  2.222   1.00 7.19  ? 5   DA  A C6     1 
ATOM   108 N  N6     . DA  A 1 5 ? 1.469   -1.138  0.982   1.00 7.65  ? 5   DA  A N6     1 
ATOM   109 N  N1     . DA  A 1 5 ? 1.983   -1.498  3.217   1.00 7.15  ? 5   DA  A N1     1 
ATOM   110 C  C2     . DA  A 1 5 ? 2.111   -1.004  4.456   1.00 7.66  ? 5   DA  A C2     1 
ATOM   111 N  N3     . DA  A 1 5 ? 1.890   0.241   4.884   1.00 7.23  ? 5   DA  A N3     1 
ATOM   112 C  C4     . DA  A 1 5 ? 1.509   1.038   3.876   1.00 7.25  ? 5   DA  A C4     1 
ATOM   113 P  P      . DC  A 1 6 ? 5.277   5.741   5.220   1.00 11.18 ? 6   DC  A P      1 
ATOM   114 O  OP1    . DC  A 1 6 ? 5.910   6.742   6.111   1.00 13.33 ? 6   DC  A OP1    1 
ATOM   115 O  OP2    . DC  A 1 6 ? 5.318   5.903   3.755   1.00 13.07 ? 6   DC  A OP2    1 
ATOM   116 O  "O5'"  . DC  A 1 6 ? 5.883   4.299   5.535   1.00 10.49 ? 6   DC  A "O5'"  1 
ATOM   117 C  "C5'"  . DC  A 1 6 ? 6.069   3.897   6.864   1.00 11.47 ? 6   DC  A "C5'"  1 
ATOM   118 C  "C4'"  . DC  A 1 6 ? 6.342   2.414   6.939   1.00 10.99 ? 6   DC  A "C4'"  1 
ATOM   119 O  "O4'"  . DC  A 1 6 ? 5.197   1.683   6.429   1.00 9.94  ? 6   DC  A "O4'"  1 
ATOM   120 C  "C3'"  . DC  A 1 6 ? 7.492   1.914   6.088   1.00 9.87  ? 6   DC  A "C3'"  1 
ATOM   121 O  "O3'"  . DC  A 1 6 ? 8.729   2.162   6.729   1.00 10.82 ? 6   DC  A "O3'"  1 
ATOM   122 C  "C2'"  . DC  A 1 6 ? 7.159   0.430   6.041   1.00 9.34  ? 6   DC  A "C2'"  1 
ATOM   123 C  "C1'"  . DC  A 1 6 ? 5.658   0.503   5.797   1.00 8.78  ? 6   DC  A "C1'"  1 
ATOM   124 N  N1     . DC  A 1 6 ? 5.314   0.550   4.343   1.00 8.29  ? 6   DC  A N1     1 
ATOM   125 C  C2     . DC  A 1 6 ? 5.305   -0.637  3.628   1.00 8.50  ? 6   DC  A C2     1 
ATOM   126 O  O2     . DC  A 1 6 ? 5.593   -1.680  4.213   1.00 9.09  ? 6   DC  A O2     1 
ATOM   127 N  N3     . DC  A 1 6 ? 4.977   -0.614  2.314   1.00 7.73  ? 6   DC  A N3     1 
ATOM   128 C  C4     . DC  A 1 6 ? 4.684   0.539   1.716   1.00 7.87  ? 6   DC  A C4     1 
ATOM   129 N  N4     . DC  A 1 6 ? 4.363   0.508   0.413   1.00 8.97  ? 6   DC  A N4     1 
ATOM   130 C  C5     . DC  A 1 6 ? 4.700   1.773   2.429   1.00 7.98  ? 6   DC  A C5     1 
ATOM   131 C  C6     . DC  A 1 6 ? 5.012   1.732   3.730   1.00 8.78  ? 6   DC  A C6     1 
ATOM   132 P  P      . DA  A 1 7 ? 10.088  2.335   5.874   1.00 10.73 ? 7   DA  A P      1 
ATOM   133 O  OP1    . DA  A 1 7 ? 11.133  2.752   6.828   1.00 12.65 ? 7   DA  A OP1    1 
ATOM   134 O  OP2    . DA  A 1 7 ? 9.813   3.161   4.678   1.00 13.18 ? 7   DA  A OP2    1 
ATOM   135 O  "O5'"  . DA  A 1 7 ? 10.410  0.857   5.380   1.00 9.62  ? 7   DA  A "O5'"  1 
ATOM   136 C  "C5'"  . DA  A 1 7 ? 10.748  -0.149  6.321   1.00 9.89  ? 7   DA  A "C5'"  1 
ATOM   137 C  "C4'"  . DA  A 1 7 ? 10.906  -1.478  5.622   1.00 8.93  ? 7   DA  A "C4'"  1 
ATOM   138 O  "O4'"  . DA  A 1 7 ? 9.652   -1.840  5.002   1.00 8.83  ? 7   DA  A "O4'"  1 
ATOM   139 C  "C3'"  . DA  A 1 7 ? 11.917  -1.489  4.485   1.00 9.17  ? 7   DA  A "C3'"  1 
ATOM   140 O  "O3'"  . DA  A 1 7 ? 13.203  -1.759  4.993   1.00 9.65  ? 7   DA  A "O3'"  1 
ATOM   141 C  "C2'"  . DA  A 1 7 ? 11.420  -2.639  3.634   1.00 9.07  ? 7   DA  A "C2'"  1 
ATOM   142 C  "C1'"  . DA  A 1 7 ? 9.912   -2.482  3.770   1.00 8.20  ? 7   DA  A "C1'"  1 
ATOM   143 N  N9     . DA  A 1 7 ? 9.283   -1.712  2.712   1.00 8.14  ? 7   DA  A N9     1 
ATOM   144 C  C8     . DA  A 1 7 ? 8.842   -0.421  2.777   1.00 8.34  ? 7   DA  A C8     1 
ATOM   145 N  N7     . DA  A 1 7 ? 8.240   -0.016  1.680   1.00 8.32  ? 7   DA  A N7     1 
ATOM   146 C  C5     . DA  A 1 7 ? 8.286   -1.121  0.846   1.00 8.09  ? 7   DA  A C5     1 
ATOM   147 C  C6     . DA  A 1 7 ? 7.812   -1.350  -0.464  1.00 8.08  ? 7   DA  A C6     1 
ATOM   148 N  N6     . DA  A 1 7 ? 7.167   -0.431  -1.195  1.00 8.88  ? 7   DA  A N6     1 
ATOM   149 N  N1     . DA  A 1 7 ? 8.021   -2.572  -0.994  1.00 8.44  ? 7   DA  A N1     1 
ATOM   150 C  C2     . DA  A 1 7 ? 8.663   -3.495  -0.272  1.00 9.19  ? 7   DA  A C2     1 
ATOM   151 N  N3     . DA  A 1 7 ? 9.157   -3.398  0.961   1.00 8.38  ? 7   DA  A N3     1 
ATOM   152 C  C4     . DA  A 1 7 ? 8.918   -2.177  1.472   1.00 7.98  ? 7   DA  A C4     1 
ATOM   153 P  P      . DC  A 1 8 ? 14.512  -1.259  4.217   1.00 10.29 ? 8   DC  A P      1 
ATOM   154 O  OP1    . DC  A 1 8 ? 15.641  -1.510  5.123   1.00 11.11 ? 8   DC  A OP1    1 
ATOM   155 O  OP2    . DC  A 1 8 ? 14.267  0.127   3.736   1.00 12.61 ? 8   DC  A OP2    1 
ATOM   156 O  "O5'"  . DC  A 1 8 ? 14.625  -2.204  2.936   1.00 11.13 ? 8   DC  A "O5'"  1 
ATOM   157 C  "C5'"  . DC  A 1 8 ? 15.051  -3.550  3.088   1.00 13.00 ? 8   DC  A "C5'"  1 
ATOM   158 C  "C4'"  . DC  A 1 8 ? 15.091  -4.264  1.750   1.00 12.86 ? 8   DC  A "C4'"  1 
ATOM   159 O  "O4'"  . DC  A 1 8 ? 13.744  -4.405  1.234   1.00 11.42 ? 8   DC  A "O4'"  1 
ATOM   160 C  "C3'"  . DC  A 1 8 ? 15.851  -3.537  0.653   1.00 13.94 ? 8   DC  A "C3'"  1 
ATOM   161 O  "O3'"  . DC  A 1 8 ? 17.233  -3.843  0.731   1.00 17.96 ? 8   DC  A "O3'"  1 
ATOM   162 C  "C2'"  . DC  A 1 8 ? 15.221  -4.121  -0.604  1.00 15.17 ? 8   DC  A "C2'"  1 
ATOM   163 C  "C1'"  . DC  A 1 8 ? 13.761  -4.288  -0.179  1.00 11.75 ? 8   DC  A "C1'"  1 
ATOM   164 N  N1     . DC  A 1 8 ? 12.883  -3.154  -0.588  1.00 10.50 ? 8   DC  A N1     1 
ATOM   165 C  C2     . DC  A 1 8 ? 12.213  -3.231  -1.802  1.00 9.71  ? 8   DC  A C2     1 
ATOM   166 O  O2     . DC  A 1 8 ? 12.373  -4.239  -2.500  1.00 10.80 ? 8   DC  A O2     1 
ATOM   167 N  N3     . DC  A 1 8 ? 11.402  -2.210  -2.176  1.00 9.54  ? 8   DC  A N3     1 
ATOM   168 C  C4     . DC  A 1 8 ? 11.269  -1.138  -1.391  1.00 9.55  ? 8   DC  A C4     1 
ATOM   169 N  N4     . DC  A 1 8 ? 10.468  -0.155  -1.805  1.00 10.10 ? 8   DC  A N4     1 
ATOM   170 C  C5     . DC  A 1 8 ? 11.961  -1.032  -0.146  1.00 9.92  ? 8   DC  A C5     1 
ATOM   171 C  C6     . DC  A 1 8 ? 12.746  -2.056  0.213   1.00 10.33 ? 8   DC  A C6     1 
HETATM 172 O  O      . HOH B 2 . ? 13.965  2.420   4.224   1.00 30.28 ? 101 HOH A O      1 
HETATM 173 O  O      . HOH B 2 . ? -8.002  -0.824  -10.583 1.00 34.03 ? 102 HOH A O      1 
HETATM 174 O  O      . HOH B 2 . ? 0.354   10.258  3.801   1.00 28.78 ? 103 HOH A O      1 
HETATM 175 O  O      . HOH B 2 . ? -6.752  -6.721  -7.342  1.00 20.27 ? 104 HOH A O      1 
HETATM 176 O  O      . HOH B 2 . ? 4.153   5.135   1.562   1.00 20.88 ? 105 HOH A O      1 
HETATM 177 O  O      . HOH B 2 . ? 11.353  2.946   2.551   1.00 25.43 ? 106 HOH A O      1 
HETATM 178 O  O      . HOH B 2 . ? -1.409  -1.802  -1.937  1.00 20.67 ? 107 HOH A O      1 
HETATM 179 O  O      . HOH B 2 . ? -2.927  3.476   -4.664  1.00 21.12 ? 108 HOH A O      1 
HETATM 180 O  O      . HOH B 2 . ? -9.456  -10.293 -5.572  1.00 21.75 ? 109 HOH A O      1 
HETATM 181 O  O      . HOH B 2 . ? 17.921  -0.214  4.717   1.00 27.87 ? 110 HOH A O      1 
HETATM 182 O  O      . HOH B 2 . ? 2.356   6.732   -0.039  1.00 30.76 ? 111 HOH A O      1 
HETATM 183 O  O      . HOH B 2 . ? 13.729  2.205   6.420   1.00 21.43 ? 112 HOH A O      1 
HETATM 184 O  O      . HOH B 2 . ? -4.306  4.082   -7.030  1.00 25.55 ? 113 HOH A O      1 
HETATM 185 O  O      . HOH B 2 . ? 7.922   4.474   3.246   1.00 31.81 ? 114 HOH A O      1 
HETATM 186 O  O      . HOH B 2 . ? -7.905  2.846   2.426   1.00 22.32 ? 115 HOH A O      1 
HETATM 187 O  O      . HOH B 2 . ? 7.675   2.417   0.598   1.00 20.66 ? 116 HOH A O      1 
HETATM 188 O  O      . HOH B 2 . ? -8.416  -4.705  -11.816 1.00 15.70 ? 117 HOH A O      1 
HETATM 189 O  O      . HOH B 2 . ? 15.992  -3.824  6.564   1.00 15.43 ? 118 HOH A O      1 
HETATM 190 O  O      . HOH B 2 . ? 12.823  1.415   1.784   1.00 34.09 ? 119 HOH A O      1 
HETATM 191 O  O      . HOH B 2 . ? -4.493  -2.926  -3.035  1.00 21.73 ? 120 HOH A O      1 
HETATM 192 O  O      . HOH B 2 . ? -5.870  -2.807  -5.826  1.00 20.05 ? 121 HOH A O      1 
HETATM 193 O  O      . HOH B 2 . ? -4.069  -4.806  -1.084  1.00 16.05 ? 122 HOH A O      1 
HETATM 194 O  O      . HOH B 2 . ? -0.796  4.750   -1.177  1.00 16.28 ? 123 HOH A O      1 
HETATM 195 O  O      . HOH B 2 . ? -3.253  0.701   -4.626  1.00 18.48 ? 124 HOH A O      1 
HETATM 196 O  O      . HOH B 2 . ? 0.757   2.441   -0.936  1.00 12.99 ? 125 HOH A O      1 
HETATM 197 O  O      . HOH B 2 . ? -8.251  -8.732  -1.746  1.00 19.35 ? 126 HOH A O      1 
HETATM 198 O  O      . HOH B 2 . ? 1.826   0.668   7.679   1.00 9.13  ? 127 HOH A O      1 
HETATM 199 O  O      . HOH B 2 . ? 16.625  1.003   2.414   1.00 23.83 ? 128 HOH A O      1 
HETATM 200 O  O      . HOH B 2 . ? -8.278  -7.418  0.798   1.00 15.61 ? 129 HOH A O      1 
HETATM 201 O  O      . HOH B 2 . ? 10.853  -5.472  1.978   1.00 21.07 ? 130 HOH A O      1 
HETATM 202 O  O      . HOH B 2 . ? -8.456  3.647   -7.874  1.00 25.63 ? 131 HOH A O      1 
HETATM 203 O  O      . HOH B 2 . ? 14.126  -5.978  -4.005  1.00 16.85 ? 132 HOH A O      1 
HETATM 204 O  O      . HOH B 2 . ? 18.215  -1.400  1.949   1.00 24.14 ? 133 HOH A O      1 
HETATM 205 O  O      . HOH B 2 . ? 3.451   2.931   -0.960  1.00 22.99 ? 134 HOH A O      1 
HETATM 206 O  O      . HOH B 2 . ? 5.226   6.722   8.965   1.00 23.58 ? 135 HOH A O      1 
HETATM 207 O  O      . HOH B 2 . ? -13.926 4.764   -3.734  1.00 17.15 ? 136 HOH A O      1 
HETATM 208 O  O      . HOH B 2 . ? 10.416  1.811   9.538   1.00 22.59 ? 137 HOH A O      1 
HETATM 209 O  O      . HOH B 2 . ? 0.834   0.005   -1.738  1.00 17.90 ? 138 HOH A O      1 
HETATM 210 O  O      . HOH B 2 . ? -5.161  -3.984  -9.751  1.00 34.63 ? 139 HOH A O      1 
HETATM 211 O  O      . HOH B 2 . ? 4.861   8.781   2.806   1.00 33.35 ? 140 HOH A O      1 
HETATM 212 O  O      . HOH B 2 . ? 12.318  5.649   6.845   1.00 30.71 ? 141 HOH A O      1 
HETATM 213 O  O      . HOH B 2 . ? -5.226  -6.962  0.034   1.00 27.64 ? 142 HOH A O      1 
HETATM 214 O  O      . HOH B 2 . ? 3.361   2.184   9.429   1.00 14.16 ? 143 HOH A O      1 
HETATM 215 O  O      . HOH B 2 . ? -2.493  -1.962  -4.204  1.00 31.94 ? 144 HOH A O      1 
HETATM 216 O  O      . HOH B 2 . ? -5.800  -5.536  -11.507 1.00 33.66 ? 145 HOH A O      1 
HETATM 217 O  O      . HOH B 2 . ? -9.447  1.027   -10.485 1.00 32.63 ? 146 HOH A O      1 
HETATM 218 O  O      . HOH B 2 . ? 13.107  2.138   10.546  1.00 39.14 ? 147 HOH A O      1 
HETATM 219 O  O      . HOH B 2 . ? -4.912  -7.587  -5.227  1.00 29.80 ? 148 HOH A O      1 
HETATM 220 O  O      . HOH B 2 . ? 20.690  -1.194  0.982   1.00 25.82 ? 149 HOH A O      1 
HETATM 221 O  O      . HOH B 2 . ? -6.137  -8.998  -3.296  1.00 37.11 ? 150 HOH A O      1 
# 
loop_
_atom_site_anisotrop.id 
_atom_site_anisotrop.type_symbol 
_atom_site_anisotrop.pdbx_label_atom_id 
_atom_site_anisotrop.pdbx_label_alt_id 
_atom_site_anisotrop.pdbx_label_comp_id 
_atom_site_anisotrop.pdbx_label_asym_id 
_atom_site_anisotrop.pdbx_label_seq_id 
_atom_site_anisotrop.pdbx_PDB_ins_code 
_atom_site_anisotrop.U[1][1] 
_atom_site_anisotrop.U[2][2] 
_atom_site_anisotrop.U[3][3] 
_atom_site_anisotrop.U[1][2] 
_atom_site_anisotrop.U[1][3] 
_atom_site_anisotrop.U[2][3] 
_atom_site_anisotrop.pdbx_auth_seq_id 
_atom_site_anisotrop.pdbx_auth_comp_id 
_atom_site_anisotrop.pdbx_auth_asym_id 
_atom_site_anisotrop.pdbx_auth_atom_id 
1   O  "O5'"  . DG  A 1 ? 0.1597 0.1395 0.1453 0.0164  -0.0363 -0.0286 1   DG  A "O5'"  
2   C  "C5'"  . DG  A 1 ? 0.1562 0.1386 0.1371 0.0213  -0.0423 -0.0348 1   DG  A "C5'"  
3   C  "C4'"  . DG  A 1 ? 0.1464 0.1292 0.1277 0.0210  -0.0442 -0.0322 1   DG  A "C4'"  
4   O  "O4'"  . DG  A 1 ? 0.1386 0.1220 0.1362 0.0162  -0.0437 -0.0325 1   DG  A "O4'"  
5   C  "C3'"  . DG  A 1 ? 0.1327 0.1132 0.1048 0.0202  -0.0399 -0.0235 1   DG  A "C3'"  
6   O  "O3'"  . DG  A 1 ? 0.1457 0.1269 0.1034 0.0251  -0.0416 -0.0211 1   DG  A "O3'"  
7   C  "C2'"  . DG  A 1 ? 0.1308 0.1119 0.1122 0.0184  -0.0415 -0.0235 1   DG  A "C2'"  
8   C  "C1'"  . DG  A 1 ? 0.1336 0.1175 0.1306 0.0146  -0.0412 -0.0273 1   DG  A "C1'"  
9   N  N9     . DG  A 1 ? 0.1266 0.1108 0.1282 0.0097  -0.0350 -0.0220 1   DG  A N9     
10  C  C8     . DG  A 1 ? 0.1303 0.1132 0.1346 0.0072  -0.0317 -0.0200 1   DG  A C8     
11  N  N7     . DG  A 1 ? 0.1325 0.1178 0.1397 0.0037  -0.0268 -0.0146 1   DG  A N7     
12  C  C5     . DG  A 1 ? 0.1258 0.1143 0.1323 0.0040  -0.0267 -0.0143 1   DG  A C5     
13  C  C6     . DG  A 1 ? 0.1047 0.0987 0.1132 0.0020  -0.0230 -0.0114 1   DG  A C6     
14  O  O6     . DG  A 1 ? 0.1180 0.1159 0.1278 -0.0005 -0.0187 -0.0074 1   DG  A O6     
15  N  N1     . DG  A 1 ? 0.1166 0.1128 0.1258 0.0040  -0.0252 -0.0143 1   DG  A N1     
16  C  C2     . DG  A 1 ? 0.1114 0.1041 0.1190 0.0074  -0.0304 -0.0179 1   DG  A C2     
17  N  N2     . DG  A 1 ? 0.1295 0.1243 0.1396 0.0095  -0.0324 -0.0202 1   DG  A N2     
18  N  N3     . DG  A 1 ? 0.1116 0.1001 0.1157 0.0094  -0.0340 -0.0198 1   DG  A N3     
19  C  C4     . DG  A 1 ? 0.1136 0.1006 0.1175 0.0075  -0.0318 -0.0185 1   DG  A C4     
20  C  C2     . LR6 A 2 ? 0.1133 0.0950 0.1013 0.0067  -0.0236 -0.0083 2   LR6 A C2     
21  C  C4     . LR6 A 2 ? 0.1193 0.1025 0.1056 0.0038  -0.0190 -0.0056 2   LR6 A C4     
22  C  C5     . LR6 A 2 ? 0.1170 0.0959 0.0974 0.0069  -0.0221 -0.0072 2   LR6 A C5     
23  C  C6     . LR6 A 2 ? 0.1247 0.1015 0.1020 0.0098  -0.0259 -0.0081 2   LR6 A C6     
24  N  N1     . LR6 A 2 ? 0.1076 0.0849 0.0893 0.0096  -0.0267 -0.0082 2   LR6 A N1     
25  N  N3     . LR6 A 2 ? 0.1183 0.1034 0.1074 0.0040  -0.0198 -0.0068 2   LR6 A N3     
26  C  CD     . LR6 A 2 ? 0.1400 0.1060 0.1276 0.0181  -0.0383 -0.0066 2   LR6 A CD     
27  C  "C1'"  . LR6 A 2 ? 0.1203 0.0946 0.1005 0.0131  -0.0313 -0.0085 2   LR6 A "C1'"  
28  C  "C2'"  . LR6 A 2 ? 0.1249 0.0934 0.1008 0.0138  -0.0307 -0.0028 2   LR6 A "C2'"  
29  C  "C3'"  . LR6 A 2 ? 0.1353 0.1025 0.0996 0.0155  -0.0300 0.0012  2   LR6 A "C3'"  
30  C  "C4'"  . LR6 A 2 ? 0.1290 0.0985 0.0930 0.0194  -0.0357 -0.0036 2   LR6 A "C4'"  
31  C  "C5'"  . LR6 A 2 ? 0.1485 0.1206 0.1019 0.0233  -0.0378 -0.0042 2   LR6 A "C5'"  
32  C  C5M    . LR6 A 2 ? 0.1484 0.1266 0.1269 0.0077  -0.0218 -0.0084 2   LR6 A C5M    
33  C  "C6'"  . LR6 A 2 ? 0.1405 0.1065 0.1087 0.0215  -0.0395 -0.0020 2   LR6 A "C6'"  
34  C  "C7'"  . LR6 A 2 ? 0.1940 0.1495 0.1771 0.0259  -0.0472 0.0016  2   LR6 A "C7'"  
35  C  "C8'"  . LR6 A 2 ? 0.1570 0.1340 0.1633 0.0158  -0.0362 -0.0173 2   LR6 A "C8'"  
36  C  "C9'"  . LR6 A 2 ? 0.1935 0.1627 0.2038 0.0168  -0.0380 -0.0157 2   LR6 A "C9'"  
37  N  "N2'"  . LR6 A 2 ? 0.1331 0.0990 0.1109 0.0176  -0.0362 -0.0034 2   LR6 A "N2'"  
38  N  "N3'"  . LR6 A 2 ? 0.1687 0.1302 0.1589 0.0218  -0.0431 -0.0054 2   LR6 A "N3'"  
39  N  "N4'"  . LR6 A 2 ? 0.1405 0.1131 0.1359 0.0153  -0.0354 -0.0116 2   LR6 A "N4'"  
40  O  O2     . LR6 A 2 ? 0.1221 0.1052 0.1146 0.0075  -0.0248 -0.0104 2   LR6 A O2     
41  O  "O3'"  . LR6 A 2 ? 0.1500 0.1126 0.1086 0.0168  -0.0298 0.0088  2   LR6 A "O3'"  
42  O  O4     . LR6 A 2 ? 0.1253 0.1114 0.1143 0.0017  -0.0159 -0.0035 2   LR6 A O4     
43  O  "O4'"  . LR6 A 2 ? 0.1256 0.0994 0.0997 0.0167  -0.0353 -0.0097 2   LR6 A "O4'"  
44  O  "O5'"  . LR6 A 2 ? 0.1450 0.1193 0.0981 0.0210  -0.0340 -0.0065 2   LR6 A "O5'"  
45  O  OP1    . LR6 A 2 ? 0.1926 0.1750 0.1252 0.0304  -0.0385 -0.0088 2   LR6 A OP1    
46  O  OP2    . LR6 A 2 ? 0.1969 0.1765 0.1446 0.0219  -0.0306 -0.0116 2   LR6 A OP2    
47  P  P      . LR6 A 2 ? 0.1590 0.1381 0.1057 0.0246  -0.0359 -0.0119 2   LR6 A P      
48  C  "C10'" . LR6 A 2 ? 0.1997 0.1816 0.2126 0.0191  -0.0406 -0.0226 2   LR6 A "C10'" 
49  C  "C11'" . LR6 A 2 ? 0.1760 0.1629 0.1850 0.0124  -0.0311 -0.0200 2   LR6 A "C11'" 
50  P  P      . DG  A 3 ? 0.1586 0.1197 0.1163 0.0133  -0.0238 0.0150  3   DG  A P      
51  O  OP1    . DG  A 3 ? 0.2004 0.1585 0.1517 0.0153  -0.0242 0.0245  3   DG  A OP1    
52  O  OP2    . DG  A 3 ? 0.1783 0.1445 0.1331 0.0116  -0.0200 0.0119  3   DG  A OP2    
53  O  "O5'"  . DG  A 3 ? 0.1500 0.1086 0.1205 0.0099  -0.0234 0.0125  3   DG  A "O5'"  
54  C  "C5'"  . DG  A 3 ? 0.1496 0.1032 0.1281 0.0112  -0.0275 0.0127  3   DG  A "C5'"  
55  C  "C4'"  . DG  A 3 ? 0.1446 0.1009 0.1350 0.0094  -0.0276 0.0050  3   DG  A "C4'"  
56  O  "O4'"  . DG  A 3 ? 0.1505 0.1150 0.1400 0.0091  -0.0267 -0.0012 3   DG  A "O4'"  
57  C  "C3'"  . DG  A 3 ? 0.1437 0.1009 0.1394 0.0055  -0.0239 0.0050  3   DG  A "C3'"  
58  O  "O3'"  . DG  A 3 ? 0.1555 0.1052 0.1607 0.0051  -0.0261 0.0077  3   DG  A "O3'"  
59  C  "C2'"  . DG  A 3 ? 0.1501 0.1160 0.1514 0.0051  -0.0237 -0.0041 3   DG  A "C2'"  
60  C  "C1'"  . DG  A 3 ? 0.1420 0.1126 0.1368 0.0064  -0.0236 -0.0051 3   DG  A "C1'"  
61  N  N9     . DG  A 3 ? 0.1348 0.1096 0.1236 0.0044  -0.0196 -0.0034 3   DG  A N9     
62  C  C8     . DG  A 3 ? 0.1407 0.1136 0.1214 0.0048  -0.0187 0.0002  3   DG  A C8     
63  N  N7     . DG  A 3 ? 0.1277 0.1046 0.1072 0.0031  -0.0157 0.0001  3   DG  A N7     
64  C  C5     . DG  A 3 ? 0.1163 0.0992 0.1020 0.0013  -0.0143 -0.0023 3   DG  A C5     
65  C  C6     . DG  A 3 ? 0.1119 0.1017 0.0990 -0.0004 -0.0114 -0.0021 3   DG  A C6     
66  O  O6     . DG  A 3 ? 0.1213 0.1118 0.1063 -0.0009 -0.0096 0.0003  3   DG  A O6     
67  N  N1     . DG  A 3 ? 0.1074 0.1048 0.0996 -0.0007 -0.0112 -0.0055 3   DG  A N1     
68  C  C2     . DG  A 3 ? 0.1115 0.1091 0.1087 0.0005  -0.0137 -0.0102 3   DG  A C2     
69  N  N2     . DG  A 3 ? 0.1128 0.1206 0.1147 0.0011  -0.0136 -0.0153 3   DG  A N2     
70  N  N3     . DG  A 3 ? 0.1264 0.1156 0.1243 0.0020  -0.0167 -0.0102 3   DG  A N3     
71  C  C4     . DG  A 3 ? 0.1339 0.1163 0.1251 0.0022  -0.0167 -0.0054 3   DG  A C4     
72  N  N1     . BRU A 4 ? 0.1067 0.0947 0.1153 -0.0024 -0.0146 -0.0113 4   BRU A N1     
73  C  C2     . BRU A 4 ? 0.1038 0.1007 0.1081 -0.0032 -0.0118 -0.0109 4   BRU A C2     
74  N  N3     . BRU A 4 ? 0.0995 0.0942 0.0962 -0.0037 -0.0090 -0.0049 4   BRU A N3     
75  C  C4     . BRU A 4 ? 0.1087 0.0950 0.1003 -0.0035 -0.0087 -0.0002 4   BRU A C4     
76  C  C5     . BRU A 4 ? 0.1279 0.1064 0.1218 -0.0027 -0.0115 0.0005  4   BRU A C5     
77  C  C6     . BRU A 4 ? 0.1227 0.1014 0.1260 -0.0023 -0.0144 -0.0047 4   BRU A C6     
78  O  O2     . BRU A 4 ? 0.1103 0.1178 0.1182 -0.0025 -0.0122 -0.0165 4   BRU A O2     
79  O  O4     . BRU A 4 ? 0.1156 0.1016 0.1012 -0.0033 -0.0067 0.0031  4   BRU A O4     
80  BR BR     . BRU A 4 ? 0.1548 0.1252 0.1393 -0.0011 -0.0114 0.0079  4   BRU A BR     
81  C  "C1'"  . BRU A 4 ? 0.1175 0.1078 0.1368 -0.0009 -0.0184 -0.0196 4   BRU A "C1'"  
82  C  "C2'"  . BRU A 4 ? 0.1081 0.0953 0.1384 -0.0030 -0.0197 -0.0217 4   BRU A "C2'"  
83  C  "C3'"  . BRU A 4 ? 0.1163 0.0892 0.1509 -0.0033 -0.0217 -0.0159 4   BRU A "C3'"  
84  C  "C4'"  . BRU A 4 ? 0.1211 0.0941 0.1539 0.0005  -0.0247 -0.0193 4   BRU A "C4'"  
85  O  "O3'"  . BRU A 4 ? 0.1230 0.0901 0.1738 -0.0049 -0.0247 -0.0184 4   BRU A "O3'"  
86  O  "O4'"  . BRU A 4 ? 0.1159 0.0985 0.1377 0.0012  -0.0217 -0.0194 4   BRU A "O4'"  
87  C  "C5'"  . BRU A 4 ? 0.1313 0.0921 0.1618 0.0016  -0.0265 -0.0112 4   BRU A "C5'"  
88  O  "O5'"  . BRU A 4 ? 0.1426 0.1010 0.1610 -0.0001 -0.0225 -0.0014 4   BRU A "O5'"  
89  P  P      . BRU A 4 ? 0.1536 0.1021 0.1668 0.0008  -0.0231 0.0096  4   BRU A P      
90  O  OP1    . BRU A 4 ? 0.1905 0.1294 0.2180 0.0009  -0.0273 0.0115  4   BRU A OP1    
91  O  OP2    . BRU A 4 ? 0.1883 0.1383 0.1916 -0.0014 -0.0179 0.0177  4   BRU A OP2    
92  P  P      . DA  A 5 ? 0.1318 0.0970 0.1891 -0.0097 -0.0219 -0.0135 5   DA  A P      
93  O  OP1    . DA  A 5 ? 0.1866 0.1420 0.2638 -0.0114 -0.0261 -0.0144 5   DA  A OP1    
94  O  OP2    . DA  A 5 ? 0.1793 0.1430 0.2230 -0.0114 -0.0165 -0.0018 5   DA  A OP2    
95  O  "O5'"  . DA  A 5 ? 0.1114 0.0914 0.1703 -0.0094 -0.0219 -0.0242 5   DA  A "O5'"  
96  C  "C5'"  . DA  A 5 ? 0.1070 0.0925 0.1659 -0.0125 -0.0186 -0.0218 5   DA  A "C5'"  
97  C  "C4'"  . DA  A 5 ? 0.0995 0.1006 0.1521 -0.0101 -0.0185 -0.0295 5   DA  A "C4'"  
98  O  "O4'"  . DA  A 5 ? 0.0950 0.0992 0.1323 -0.0074 -0.0165 -0.0264 5   DA  A "O4'"  
99  C  "C3'"  . DA  A 5 ? 0.1002 0.1082 0.1511 -0.0122 -0.0153 -0.0269 5   DA  A "C3'"  
100 O  "O3'"  . DA  A 5 ? 0.1053 0.1185 0.1722 -0.0136 -0.0186 -0.0353 5   DA  A "O3'"  
101 C  "C2'"  . DA  A 5 ? 0.0939 0.1136 0.1313 -0.0087 -0.0141 -0.0279 5   DA  A "C2'"  
102 C  "C1'"  . DA  A 5 ? 0.0897 0.1025 0.1179 -0.0072 -0.0133 -0.0235 5   DA  A "C1'"  
103 N  N9     . DA  A 5 ? 0.0946 0.0995 0.1133 -0.0083 -0.0095 -0.0133 5   DA  A N9     
104 C  C8     . DA  A 5 ? 0.0993 0.0925 0.1165 -0.0093 -0.0088 -0.0073 5   DA  A C8     
105 N  N7     . DA  A 5 ? 0.1017 0.0927 0.1088 -0.0090 -0.0057 -0.0008 5   DA  A N7     
106 C  C5     . DA  A 5 ? 0.0880 0.0878 0.0915 -0.0082 -0.0045 -0.0022 5   DA  A C5     
107 C  C6     . DA  A 5 ? 0.0919 0.0932 0.0881 -0.0072 -0.0021 0.0016  5   DA  A C6     
108 N  N6     . DA  A 5 ? 0.1018 0.0972 0.0917 -0.0066 -0.0005 0.0058  5   DA  A N6     
109 N  N1     . DA  A 5 ? 0.0885 0.0985 0.0844 -0.0062 -0.0019 0.0005  5   DA  A N1     
110 C  C2     . DA  A 5 ? 0.0905 0.1092 0.0912 -0.0059 -0.0037 -0.0045 5   DA  A C2     
111 N  N3     . DA  A 5 ? 0.0824 0.1023 0.0899 -0.0064 -0.0062 -0.0104 5   DA  A N3     
112 C  C4     . DA  A 5 ? 0.0856 0.0944 0.0953 -0.0078 -0.0066 -0.0089 5   DA  A C4     
113 P  P      . DC  A 6 ? 0.1121 0.1248 0.1881 -0.0183 -0.0160 -0.0307 6   DC  A P      
114 O  OP1    . DC  A 6 ? 0.1307 0.1492 0.2265 -0.0192 -0.0213 -0.0426 6   DC  A OP1    
115 O  OP2    . DC  A 6 ? 0.1407 0.1404 0.2153 -0.0216 -0.0118 -0.0180 6   DC  A OP2    
116 O  "O5'"  . DC  A 6 ? 0.1041 0.1280 0.1665 -0.0165 -0.0127 -0.0279 6   DC  A "O5'"  
117 C  "C5'"  . DC  A 6 ? 0.1121 0.1510 0.1728 -0.0130 -0.0156 -0.0365 6   DC  A "C5'"  
118 C  "C4'"  . DC  A 6 ? 0.1087 0.1540 0.1549 -0.0108 -0.0123 -0.0300 6   DC  A "C4'"  
119 O  "O4'"  . DC  A 6 ? 0.1022 0.1407 0.1348 -0.0093 -0.0099 -0.0233 6   DC  A "O4'"  
120 C  "C3'"  . DC  A 6 ? 0.0949 0.1376 0.1424 -0.0134 -0.0082 -0.0228 6   DC  A "C3'"  
121 O  "O3'"  . DC  A 6 ? 0.0997 0.1529 0.1586 -0.0142 -0.0103 -0.0286 6   DC  A "O3'"  
122 C  "C2'"  . DC  A 6 ? 0.0927 0.1372 0.1250 -0.0101 -0.0058 -0.0166 6   DC  A "C2'"  
123 C  "C1'"  . DC  A 6 ? 0.0908 0.1275 0.1155 -0.0092 -0.0061 -0.0152 6   DC  A "C1'"  
124 N  N1     . DC  A 6 ? 0.0900 0.1136 0.1112 -0.0113 -0.0028 -0.0083 6   DC  A N1     
125 C  C2     . DC  A 6 ? 0.0966 0.1176 0.1087 -0.0099 0.0002  -0.0021 6   DC  A C2     
126 O  O2     . DC  A 6 ? 0.1030 0.1306 0.1117 -0.0076 0.0001  -0.0016 6   DC  A O2     
127 N  N3     . DC  A 6 ? 0.0914 0.1033 0.0989 -0.0106 0.0025  0.0029  6   DC  A N3     
128 C  C4     . DC  A 6 ? 0.0942 0.0991 0.1057 -0.0128 0.0022  0.0040  6   DC  A C4     
129 N  N4     . DC  A 6 ? 0.1125 0.1107 0.1177 -0.0127 0.0045  0.0100  6   DC  A N4     
130 C  C5     . DC  A 6 ? 0.0915 0.0969 0.1147 -0.0146 -0.0008 -0.0010 6   DC  A C5     
131 C  C6     . DC  A 6 ? 0.0968 0.1118 0.1248 -0.0137 -0.0034 -0.0082 6   DC  A C6     
132 P  P      . DA  A 7 ? 0.0952 0.1472 0.1654 -0.0185 -0.0067 -0.0244 7   DA  A P      
133 O  OP1    . DA  A 7 ? 0.1104 0.1752 0.1950 -0.0188 -0.0108 -0.0336 7   DA  A OP1    
134 O  OP2    . DA  A 7 ? 0.1289 0.1677 0.2043 -0.0231 -0.0035 -0.0180 7   DA  A OP2    
135 O  "O5'"  . DA  A 7 ? 0.0849 0.1387 0.1420 -0.0159 -0.0024 -0.0167 7   DA  A "O5'"  
136 C  "C5'"  . DA  A 7 ? 0.0864 0.1513 0.1379 -0.0114 -0.0046 -0.0188 7   DA  A "C5'"  
137 C  "C4'"  . DA  A 7 ? 0.0783 0.1407 0.1201 -0.0092 -0.0008 -0.0112 7   DA  A "C4'"  
138 O  "O4'"  . DA  A 7 ? 0.0845 0.1360 0.1149 -0.0085 0.0009  -0.0064 7   DA  A "O4'"  
139 C  "C3'"  . DA  A 7 ? 0.0797 0.1410 0.1276 -0.0118 0.0040  -0.0077 7   DA  A "C3'"  
140 O  "O3'"  . DA  A 7 ? 0.0785 0.1521 0.1358 -0.0107 0.0029  -0.0110 7   DA  A "O3'"  
141 C  "C2'"  . DA  A 7 ? 0.0847 0.1396 0.1203 -0.0089 0.0070  -0.0019 7   DA  A "C2'"  
142 C  "C1'"  . DA  A 7 ? 0.0797 0.1258 0.1062 -0.0086 0.0052  -0.0010 7   DA  A "C1'"  
143 N  N9     . DA  A 7 ? 0.0827 0.1191 0.1075 -0.0115 0.0078  0.0018  7   DA  A N9     
144 C  C8     . DA  A 7 ? 0.0849 0.1168 0.1152 -0.0147 0.0064  0.0004  7   DA  A C8     
145 N  N7     . DA  A 7 ? 0.0890 0.1118 0.1153 -0.0160 0.0087  0.0053  7   DA  A N7     
146 C  C5     . DA  A 7 ? 0.0894 0.1121 0.1059 -0.0133 0.0117  0.0090  7   DA  A C5     
147 C  C6     . DA  A 7 ? 0.0940 0.1115 0.1015 -0.0123 0.0145  0.0138  7   DA  A C6     
148 N  N6     . DA  A 7 ? 0.1071 0.1175 0.1128 -0.0140 0.0150  0.0179  7   DA  A N6     
149 N  N1     . DA  A 7 ? 0.1000 0.1201 0.1006 -0.0087 0.0162  0.0136  7   DA  A N1     
150 C  C2     . DA  A 7 ? 0.1064 0.1325 0.1101 -0.0065 0.0151  0.0104  7   DA  A C2     
151 N  N3     . DA  A 7 ? 0.0920 0.1234 0.1031 -0.0072 0.0127  0.0077  7   DA  A N3     
152 C  C4     . DA  A 7 ? 0.0855 0.1156 0.1021 -0.0106 0.0110  0.0065  7   DA  A C4     
153 P  P      . DC  A 8 ? 0.0804 0.1588 0.1518 -0.0148 0.0071  -0.0105 8   DC  A P      
154 O  OP1    . DC  A 8 ? 0.0826 0.1753 0.1642 -0.0127 0.0036  -0.0162 8   DC  A OP1    
155 O  OP2    . DC  A 8 ? 0.1090 0.1808 0.1895 -0.0209 0.0086  -0.0095 8   DC  A OP2    
156 O  "O5'"  . DC  A 8 ? 0.0949 0.1703 0.1579 -0.0129 0.0132  -0.0039 8   DC  A "O5'"  
157 C  "C5'"  . DC  A 8 ? 0.1182 0.1988 0.1769 -0.0073 0.0124  -0.0044 8   DC  A "C5'"  
158 C  "C4'"  . DC  A 8 ? 0.1194 0.1974 0.1719 -0.0055 0.0179  -0.0007 8   DC  A "C4'"  
159 O  "O4'"  . DC  A 8 ? 0.1097 0.1754 0.1489 -0.0049 0.0180  0.0023  8   DC  A "O4'"  
160 C  "C3'"  . DC  A 8 ? 0.1289 0.2121 0.1886 -0.0096 0.0246  0.0019  8   DC  A "C3'"  
161 O  "O3'"  . DC  A 8 ? 0.1713 0.2683 0.2428 -0.0086 0.0261  -0.0009 8   DC  A "O3'"  
162 C  "C2'"  . DC  A 8 ? 0.1506 0.2285 0.1971 -0.0069 0.0285  0.0053  8   DC  A "C2'"  
163 C  "C1'"  . DC  A 8 ? 0.1155 0.1801 0.1507 -0.0056 0.0237  0.0056  8   DC  A "C1'"  
164 N  N1     . DC  A 8 ? 0.1037 0.1600 0.1354 -0.0101 0.0248  0.0097  8   DC  A N1     
165 C  C2     . DC  A 8 ? 0.0990 0.1502 0.1197 -0.0089 0.0278  0.0135  8   DC  A C2     
166 O  O2     . DC  A 8 ? 0.1135 0.1685 0.1283 -0.0043 0.0296  0.0119  8   DC  A O2     
167 N  N3     . DC  A 8 ? 0.1004 0.1439 0.1183 -0.0123 0.0281  0.0180  8   DC  A N3     
168 C  C4     . DC  A 8 ? 0.0987 0.1384 0.1257 -0.0166 0.0254  0.0179  8   DC  A C4     
169 N  N4     . DC  A 8 ? 0.1090 0.1401 0.1347 -0.0192 0.0252  0.0224  8   DC  A N4     
170 C  C5     . DC  A 8 ? 0.0977 0.1430 0.1363 -0.0177 0.0222  0.0123  8   DC  A C5     
171 C  C6     . DC  A 8 ? 0.0996 0.1535 0.1393 -0.0143 0.0221  0.0089  8   DC  A C6     
172 O  O      . HOH B . ? 0.3248 0.4138 0.4121 -0.0130 0.0811  0.1011  101 HOH A O      
173 O  O      . HOH B . ? 0.4762 0.4595 0.3573 -0.1712 -0.0105 -0.1152 102 HOH A O      
174 O  O      . HOH B . ? 0.2891 0.2631 0.5412 -0.0255 -0.0071 -0.0931 103 HOH A O      
175 O  O      . HOH B . ? 0.2392 0.2093 0.3216 -0.0029 0.0713  -0.0759 104 HOH A O      
176 O  O      . HOH B . ? 0.3148 0.1798 0.2986 -0.0033 0.0952  -0.0198 105 HOH A O      
177 O  O      . HOH B . ? 0.1755 0.4050 0.3858 -0.0380 0.0401  0.0463  106 HOH A O      
178 O  O      . HOH B . ? 0.4069 0.2252 0.1530 0.1125  0.0074  -0.0313 107 HOH A O      
179 O  O      . HOH B . ? 0.2802 0.2948 0.2275 -0.0015 0.0246  -0.0548 108 HOH A O      
180 O  O      . HOH B . ? 0.2582 0.3662 0.2019 -0.0294 -0.0661 0.0803  109 HOH A O      
181 O  O      . HOH B . ? 0.1950 0.3353 0.5285 -0.1052 0.0278  -0.0589 110 HOH A O      
182 O  O      . HOH B . ? 0.3804 0.3588 0.4295 0.0124  0.0361  -0.0366 111 HOH A O      
183 O  O      . HOH B . ? 0.1968 0.2269 0.3905 -0.0030 -0.0162 0.0044  112 HOH A O      
184 O  O      . HOH B . ? 0.2929 0.2932 0.3845 -0.0853 0.0266  0.0509  113 HOH A O      
185 O  O      . HOH B . ? 0.2926 0.4657 0.4502 0.0711  -0.0111 0.0204  114 HOH A O      
186 O  O      . HOH B . ? 0.4015 0.1986 0.2477 0.0119  0.0287  0.0020  115 HOH A O      
187 O  O      . HOH B . ? 0.2060 0.2149 0.3641 0.0245  0.1493  0.0442  116 HOH A O      
188 O  O      . HOH B . ? 0.2103 0.2106 0.1758 -0.0445 0.0827  -0.0573 117 HOH A O      
189 O  O      . HOH B . ? 0.1324 0.2841 0.1696 -0.0604 -0.0532 0.1038  118 HOH A O      
190 O  O      . HOH B . ? 0.4885 0.4244 0.3825 -0.0131 -0.0105 0.0446  119 HOH A O      
191 O  O      . HOH B . ? 0.3239 0.2231 0.2785 -0.0787 0.1072  -0.0359 120 HOH A O      
192 O  O      . HOH B . ? 0.2082 0.2724 0.2814 0.0076  -0.0386 0.0735  121 HOH A O      
193 O  O      . HOH B . ? 0.1879 0.2699 0.1522 0.0066  -0.0441 0.0050  122 HOH A O      
194 O  O      . HOH B . ? 0.2198 0.1750 0.2239 0.0614  -0.0642 -0.0246 123 HOH A O      
195 O  O      . HOH B . ? 0.2245 0.2317 0.2461 0.0541  -0.0527 0.0125  124 HOH A O      
196 O  O      . HOH B . ? 0.1834 0.1800 0.1302 0.0207  0.0125  0.0023  125 HOH A O      
197 O  O      . HOH B . ? 0.1987 0.2604 0.2759 0.0855  -0.0329 0.0822  126 HOH A O      
198 O  O      . HOH B . ? 0.1183 0.1168 0.1118 0.0032  0.0023  -0.0131 127 HOH A O      
199 O  O      . HOH B . ? 0.1288 0.3715 0.4050 0.0208  0.0521  0.0783  128 HOH A O      
200 O  O      . HOH B . ? 0.1891 0.1375 0.2666 0.0354  -0.1020 -0.0015 129 HOH A O      
201 O  O      . HOH B . ? 0.4279 0.2102 0.1624 0.0078  -0.1170 -0.0030 130 HOH A O      
202 O  O      . HOH B . ? 0.3945 0.2979 0.2815 0.0081  -0.0509 0.0018  131 HOH A O      
203 O  O      . HOH B . ? 0.2798 0.2094 0.1512 0.0648  0.0097  -0.0434 132 HOH A O      
204 O  O      . HOH B . ? 0.2355 0.3448 0.3371 -0.0116 -0.0037 0.0883  133 HOH A O      
205 O  O      . HOH B . ? 0.2717 0.2530 0.3489 -0.0189 0.0378  0.1545  134 HOH A O      
206 O  O      . HOH B . ? 0.3820 0.2429 0.2708 -0.0552 -0.1075 -0.0959 135 HOH A O      
207 O  O      . HOH B . ? 0.2167 0.1715 0.2633 0.0919  -0.0293 -0.0003 136 HOH A O      
208 O  O      . HOH B . ? 0.2854 0.2955 0.2774 -0.0114 -0.0843 -0.0844 137 HOH A O      
209 O  O      . HOH B . ? 0.2634 0.2752 0.1416 0.1183  0.0486  -0.0024 138 HOH A O      
210 O  O      . HOH B . ? 0.4552 0.4681 0.3926 -0.0560 0.0291  -0.1187 139 HOH A O      
211 O  O      . HOH B . ? 0.3436 0.4036 0.5199 -0.0286 0.0230  0.0446  140 HOH A O      
212 O  O      . HOH B . ? 0.2977 0.3853 0.4838 -0.0169 0.0713  0.0011  141 HOH A O      
213 O  O      . HOH B . ? 0.3069 0.3293 0.4142 0.0537  -0.0366 0.0055  142 HOH A O      
214 O  O      . HOH B . ? 0.1847 0.1543 0.1991 0.0169  -0.0711 -0.0242 143 HOH A O      
215 O  O      . HOH B . ? 0.4169 0.4280 0.3686 -0.0707 -0.0432 -0.0694 144 HOH A O      
216 O  O      . HOH B . ? 0.4036 0.4339 0.4412 -0.0190 0.0224  -0.0482 145 HOH A O      
217 O  O      . HOH B . ? 0.3636 0.4149 0.4613 -0.0260 -0.0258 0.0651  146 HOH A O      
218 O  O      . HOH B . ? 0.3799 0.5203 0.5869 0.0336  -0.0497 -0.0115 147 HOH A O      
219 O  O      . HOH B . ? 0.3561 0.3656 0.4105 0.1063  0.0130  -0.0539 148 HOH A O      
220 O  O      . HOH B . ? 0.2955 0.4262 0.2596 -0.0450 0.0720  0.0166  149 HOH A O      
221 O  O      . HOH B . ? 0.4782 0.4380 0.4939 0.1065  0.0035  -0.0075 150 HOH A O      
# 
loop_
_pdbx_poly_seq_scheme.asym_id 
_pdbx_poly_seq_scheme.entity_id 
_pdbx_poly_seq_scheme.seq_id 
_pdbx_poly_seq_scheme.mon_id 
_pdbx_poly_seq_scheme.ndb_seq_num 
_pdbx_poly_seq_scheme.pdb_seq_num 
_pdbx_poly_seq_scheme.auth_seq_num 
_pdbx_poly_seq_scheme.pdb_mon_id 
_pdbx_poly_seq_scheme.auth_mon_id 
_pdbx_poly_seq_scheme.pdb_strand_id 
_pdbx_poly_seq_scheme.pdb_ins_code 
_pdbx_poly_seq_scheme.hetero 
A 1 1 DG  1 1 1 DG  DG  A . n 
A 1 2 LR6 2 2 2 LR6 LR6 A . n 
A 1 3 DG  3 3 3 DG  DG  A . n 
A 1 4 BRU 4 4 4 BRU BRU A . n 
A 1 5 DA  5 5 5 DA  DA  A . n 
A 1 6 DC  6 6 6 DC  DC  A . n 
A 1 7 DA  7 7 7 DA  DA  A . n 
A 1 8 DC  8 8 8 DC  DC  A . n 
# 
loop_
_pdbx_contact_author.id 
_pdbx_contact_author.email 
_pdbx_contact_author.name_first 
_pdbx_contact_author.name_last 
_pdbx_contact_author.name_mi 
_pdbx_contact_author.role 
_pdbx_contact_author.identifier_ORCID 
2 obika@phs.osaka-u.ac.jp        Satoshi Obika     ? 'principal investigator/group leader' 0000-0002-6842-6812 
3 yamaguchi-ta@phs.osaka-u.ac.jp Takao   Yamaguchi ? 'principal investigator/group leader' 0000-0003-3180-0257 
# 
loop_
_pdbx_nonpoly_scheme.asym_id 
_pdbx_nonpoly_scheme.entity_id 
_pdbx_nonpoly_scheme.mon_id 
_pdbx_nonpoly_scheme.ndb_seq_num 
_pdbx_nonpoly_scheme.pdb_seq_num 
_pdbx_nonpoly_scheme.auth_seq_num 
_pdbx_nonpoly_scheme.pdb_mon_id 
_pdbx_nonpoly_scheme.auth_mon_id 
_pdbx_nonpoly_scheme.pdb_strand_id 
_pdbx_nonpoly_scheme.pdb_ins_code 
B 2 HOH 1  101 40 HOH HOH A . 
B 2 HOH 2  102 47 HOH HOH A . 
B 2 HOH 3  103 42 HOH HOH A . 
B 2 HOH 4  104 11 HOH HOH A . 
B 2 HOH 5  105 31 HOH HOH A . 
B 2 HOH 6  106 26 HOH HOH A . 
B 2 HOH 7  107 18 HOH HOH A . 
B 2 HOH 8  108 17 HOH HOH A . 
B 2 HOH 9  109 24 HOH HOH A . 
B 2 HOH 10 110 29 HOH HOH A . 
B 2 HOH 11 111 37 HOH HOH A . 
B 2 HOH 12 112 19 HOH HOH A . 
B 2 HOH 13 113 32 HOH HOH A . 
B 2 HOH 14 114 39 HOH HOH A . 
B 2 HOH 15 115 23 HOH HOH A . 
B 2 HOH 16 116 14 HOH HOH A . 
B 2 HOH 17 117 4  HOH HOH A . 
B 2 HOH 18 118 6  HOH HOH A . 
B 2 HOH 19 119 43 HOH HOH A . 
B 2 HOH 20 120 12 HOH HOH A . 
B 2 HOH 21 121 25 HOH HOH A . 
B 2 HOH 22 122 8  HOH HOH A . 
B 2 HOH 23 123 5  HOH HOH A . 
B 2 HOH 24 124 22 HOH HOH A . 
B 2 HOH 25 125 3  HOH HOH A . 
B 2 HOH 26 126 21 HOH HOH A . 
B 2 HOH 27 127 1  HOH HOH A . 
B 2 HOH 28 128 30 HOH HOH A . 
B 2 HOH 29 129 7  HOH HOH A . 
B 2 HOH 30 130 15 HOH HOH A . 
B 2 HOH 31 131 28 HOH HOH A . 
B 2 HOH 32 132 10 HOH HOH A . 
B 2 HOH 33 133 35 HOH HOH A . 
B 2 HOH 34 134 27 HOH HOH A . 
B 2 HOH 35 135 20 HOH HOH A . 
B 2 HOH 36 136 16 HOH HOH A . 
B 2 HOH 37 137 9  HOH HOH A . 
B 2 HOH 38 138 13 HOH HOH A . 
B 2 HOH 39 139 44 HOH HOH A . 
B 2 HOH 40 140 46 HOH HOH A . 
B 2 HOH 41 141 33 HOH HOH A . 
B 2 HOH 42 142 36 HOH HOH A . 
B 2 HOH 43 143 2  HOH HOH A . 
B 2 HOH 44 144 51 HOH HOH A . 
B 2 HOH 45 145 49 HOH HOH A . 
B 2 HOH 46 146 48 HOH HOH A . 
B 2 HOH 47 147 38 HOH HOH A . 
B 2 HOH 48 148 34 HOH HOH A . 
B 2 HOH 49 149 50 HOH HOH A . 
B 2 HOH 50 150 45 HOH HOH A . 
# 
_pdbx_struct_assembly.id                   1 
_pdbx_struct_assembly.details              author_and_software_defined_assembly 
_pdbx_struct_assembly.method_details       PISA 
_pdbx_struct_assembly.oligomeric_details   dimeric 
_pdbx_struct_assembly.oligomeric_count     2 
# 
_pdbx_struct_assembly_gen.assembly_id       1 
_pdbx_struct_assembly_gen.oper_expression   1,2 
_pdbx_struct_assembly_gen.asym_id_list      A,B 
# 
loop_
_pdbx_struct_assembly_prop.biol_id 
_pdbx_struct_assembly_prop.type 
_pdbx_struct_assembly_prop.value 
_pdbx_struct_assembly_prop.details 
1 'ABSA (A^2)' 2030 ? 
1 MORE         10   ? 
1 'SSA (A^2)'  2900 ? 
# 
loop_
_pdbx_struct_oper_list.id 
_pdbx_struct_oper_list.type 
_pdbx_struct_oper_list.name 
_pdbx_struct_oper_list.symmetry_operation 
_pdbx_struct_oper_list.matrix[1][1] 
_pdbx_struct_oper_list.matrix[1][2] 
_pdbx_struct_oper_list.matrix[1][3] 
_pdbx_struct_oper_list.vector[1] 
_pdbx_struct_oper_list.matrix[2][1] 
_pdbx_struct_oper_list.matrix[2][2] 
_pdbx_struct_oper_list.matrix[2][3] 
_pdbx_struct_oper_list.vector[2] 
_pdbx_struct_oper_list.matrix[3][1] 
_pdbx_struct_oper_list.matrix[3][2] 
_pdbx_struct_oper_list.matrix[3][3] 
_pdbx_struct_oper_list.vector[3] 
1 'identity operation'         1_555 x,y,z            1.0000000000  0.0000000000 0.0000000000 0.0000000000  0.0000000000 1.0000000000  0.0000000000 0.0000000000  0.0000000000 0.0000000000 1.0000000000 0.0000000000 
2 'crystal symmetry operation' 8_665 -y+1,-x+1,-z+1/2 -0.9498104733 0.0755135795 0.3035749728 -0.2142410215 0.0755135795 -0.8863846490 0.4567493332 -4.6490756119 0.3035749728 0.4567493332 0.8361951223 1.1918670142 
# 
loop_
_pdbx_audit_revision_history.ordinal 
_pdbx_audit_revision_history.data_content_type 
_pdbx_audit_revision_history.major_revision 
_pdbx_audit_revision_history.minor_revision 
_pdbx_audit_revision_history.revision_date 
1 'Structure model' 1 0 2023-08-09 
2 'Structure model' 1 1 2023-09-06 
# 
_pdbx_audit_revision_details.ordinal             1 
_pdbx_audit_revision_details.revision_ordinal    1 
_pdbx_audit_revision_details.data_content_type   'Structure model' 
_pdbx_audit_revision_details.provider            repository 
_pdbx_audit_revision_details.type                'Initial release' 
_pdbx_audit_revision_details.description         ? 
_pdbx_audit_revision_details.details             ? 
# 
loop_
_pdbx_audit_revision_group.ordinal 
_pdbx_audit_revision_group.revision_ordinal 
_pdbx_audit_revision_group.data_content_type 
_pdbx_audit_revision_group.group 
1 2 'Structure model' 'Data collection'     
2 2 'Structure model' 'Database references' 
# 
loop_
_pdbx_audit_revision_category.ordinal 
_pdbx_audit_revision_category.revision_ordinal 
_pdbx_audit_revision_category.data_content_type 
_pdbx_audit_revision_category.category 
1 2 'Structure model' chem_comp_atom  
2 2 'Structure model' chem_comp_bond  
3 2 'Structure model' citation        
4 2 'Structure model' citation_author 
# 
loop_
_pdbx_audit_revision_item.ordinal 
_pdbx_audit_revision_item.revision_ordinal 
_pdbx_audit_revision_item.data_content_type 
_pdbx_audit_revision_item.item 
1 2 'Structure model' '_citation.journal_volume'          
2 2 'Structure model' '_citation.page_first'              
3 2 'Structure model' '_citation.page_last'               
4 2 'Structure model' '_citation.title'                   
5 2 'Structure model' '_citation_author.identifier_ORCID' 
# 
_pdbx_refine_tls.id               1 
_pdbx_refine_tls.pdbx_refine_id   'X-RAY DIFFRACTION' 
_pdbx_refine_tls.details          ? 
_pdbx_refine_tls.method           refined 
_pdbx_refine_tls.origin_x         -0.4860 
_pdbx_refine_tls.origin_y         0.2356 
_pdbx_refine_tls.origin_z         0.1258 
_pdbx_refine_tls.T[1][1]          0.0954 
_pdbx_refine_tls.T[1][1]_esd      ? 
_pdbx_refine_tls.T[1][2]          -0.0055 
_pdbx_refine_tls.T[1][2]_esd      ? 
_pdbx_refine_tls.T[1][3]          -0.0048 
_pdbx_refine_tls.T[1][3]_esd      ? 
_pdbx_refine_tls.T[2][2]          0.0794 
_pdbx_refine_tls.T[2][2]_esd      ? 
_pdbx_refine_tls.T[2][3]          0.0057 
_pdbx_refine_tls.T[2][3]_esd      ? 
_pdbx_refine_tls.T[3][3]          0.0845 
_pdbx_refine_tls.T[3][3]_esd      ? 
_pdbx_refine_tls.L[1][1]          2.6009 
_pdbx_refine_tls.L[1][1]_esd      ? 
_pdbx_refine_tls.L[1][2]          -0.4975 
_pdbx_refine_tls.L[1][2]_esd      ? 
_pdbx_refine_tls.L[1][3]          0.4034 
_pdbx_refine_tls.L[1][3]_esd      ? 
_pdbx_refine_tls.L[2][2]          0.9155 
_pdbx_refine_tls.L[2][2]_esd      ? 
_pdbx_refine_tls.L[2][3]          0.2368 
_pdbx_refine_tls.L[2][3]_esd      ? 
_pdbx_refine_tls.L[3][3]          0.7887 
_pdbx_refine_tls.L[3][3]_esd      ? 
_pdbx_refine_tls.S[1][1]          -0.0119 
_pdbx_refine_tls.S[1][1]_esd      ? 
_pdbx_refine_tls.S[1][2]          -0.0076 
_pdbx_refine_tls.S[1][2]_esd      ? 
_pdbx_refine_tls.S[1][3]          0.2097 
_pdbx_refine_tls.S[1][3]_esd      ? 
_pdbx_refine_tls.S[2][1]          -0.1164 
_pdbx_refine_tls.S[2][1]_esd      ? 
_pdbx_refine_tls.S[2][2]          -0.0249 
_pdbx_refine_tls.S[2][2]_esd      ? 
_pdbx_refine_tls.S[2][3]          -0.0426 
_pdbx_refine_tls.S[2][3]_esd      ? 
_pdbx_refine_tls.S[3][1]          -0.0792 
_pdbx_refine_tls.S[3][1]_esd      ? 
_pdbx_refine_tls.S[3][2]          0.0459 
_pdbx_refine_tls.S[3][2]_esd      ? 
_pdbx_refine_tls.S[3][3]          0.0493 
_pdbx_refine_tls.S[3][3]_esd      ? 
# 
_pdbx_refine_tls_group.id                  1 
_pdbx_refine_tls_group.pdbx_refine_id      'X-RAY DIFFRACTION' 
_pdbx_refine_tls_group.refine_tls_id       1 
_pdbx_refine_tls_group.beg_label_asym_id   ? 
_pdbx_refine_tls_group.beg_label_seq_id    ? 
_pdbx_refine_tls_group.beg_auth_asym_id    ? 
_pdbx_refine_tls_group.beg_auth_seq_id     ? 
_pdbx_refine_tls_group.beg_PDB_ins_code    ? 
_pdbx_refine_tls_group.end_label_asym_id   ? 
_pdbx_refine_tls_group.end_label_seq_id    ? 
_pdbx_refine_tls_group.end_auth_asym_id    ? 
_pdbx_refine_tls_group.end_auth_seq_id     ? 
_pdbx_refine_tls_group.end_PDB_ins_code    ? 
_pdbx_refine_tls_group.selection           ? 
_pdbx_refine_tls_group.selection_details   
;chain 'A' and (resid 1 through 8 )
;
# 
loop_
_software.citation_id 
_software.classification 
_software.compiler_name 
_software.compiler_version 
_software.contact_author 
_software.contact_author_email 
_software.date 
_software.description 
_software.dependencies 
_software.hardware 
_software.language 
_software.location 
_software.mods 
_software.name 
_software.os 
_software.os_version 
_software.type 
_software.version 
_software.pdbx_ordinal 
? refinement        ? ? ? ? ? ? ? ? ? ? ? PHENIX      ? ? ? 1.20-1-4487 1 
? 'data reduction'  ? ? ? ? ? ? ? ? ? ? ? XDS         ? ? ? .           2 
? 'data scaling'    ? ? ? ? ? ? ? ? ? ? ? XSCALE      ? ? ? .           3 
? 'data extraction' ? ? ? ? ? ? ? ? ? ? ? PDB_EXTRACT ? ? ? 3.25        4 
? phasing           ? ? ? ? ? ? ? ? ? ? ? SHELXDE     ? ? ? .           5 
# 
_pdbx_entry_details.entry_id                 8HU5 
_pdbx_entry_details.has_ligand_of_interest   Y 
_pdbx_entry_details.compound_details         ? 
_pdbx_entry_details.source_details           ? 
_pdbx_entry_details.nonpolymer_details       ? 
_pdbx_entry_details.sequence_details         ? 
# 
loop_
_chem_comp_atom.comp_id 
_chem_comp_atom.atom_id 
_chem_comp_atom.type_symbol 
_chem_comp_atom.pdbx_aromatic_flag 
_chem_comp_atom.pdbx_stereo_config 
_chem_comp_atom.pdbx_ordinal 
BRU N1     N  N N 1   
BRU C2     C  N N 2   
BRU N3     N  N N 3   
BRU C4     C  N N 4   
BRU C5     C  N N 5   
BRU C6     C  N N 6   
BRU O2     O  N N 7   
BRU O4     O  N N 8   
BRU BR     BR N N 9   
BRU "C1'"  C  N R 10  
BRU "C2'"  C  N N 11  
BRU "C3'"  C  N S 12  
BRU "C4'"  C  N R 13  
BRU "O3'"  O  N N 14  
BRU "O4'"  O  N N 15  
BRU "C5'"  C  N N 16  
BRU "O5'"  O  N N 17  
BRU P      P  N N 18  
BRU OP1    O  N N 19  
BRU OP2    O  N N 20  
BRU OP3    O  N N 21  
BRU HN3    H  N N 22  
BRU H6     H  N N 23  
BRU "H1'"  H  N N 24  
BRU "H2'"  H  N N 25  
BRU "H2''" H  N N 26  
BRU "H3'"  H  N N 27  
BRU "H4'"  H  N N 28  
BRU "HO3'" H  N N 29  
BRU "H5'"  H  N N 30  
BRU "H5''" H  N N 31  
BRU HOP2   H  N N 32  
BRU HOP3   H  N N 33  
DA  OP3    O  N N 34  
DA  P      P  N N 35  
DA  OP1    O  N N 36  
DA  OP2    O  N N 37  
DA  "O5'"  O  N N 38  
DA  "C5'"  C  N N 39  
DA  "C4'"  C  N R 40  
DA  "O4'"  O  N N 41  
DA  "C3'"  C  N S 42  
DA  "O3'"  O  N N 43  
DA  "C2'"  C  N N 44  
DA  "C1'"  C  N R 45  
DA  N9     N  Y N 46  
DA  C8     C  Y N 47  
DA  N7     N  Y N 48  
DA  C5     C  Y N 49  
DA  C6     C  Y N 50  
DA  N6     N  N N 51  
DA  N1     N  Y N 52  
DA  C2     C  Y N 53  
DA  N3     N  Y N 54  
DA  C4     C  Y N 55  
DA  HOP3   H  N N 56  
DA  HOP2   H  N N 57  
DA  "H5'"  H  N N 58  
DA  "H5''" H  N N 59  
DA  "H4'"  H  N N 60  
DA  "H3'"  H  N N 61  
DA  "HO3'" H  N N 62  
DA  "H2'"  H  N N 63  
DA  "H2''" H  N N 64  
DA  "H1'"  H  N N 65  
DA  H8     H  N N 66  
DA  H61    H  N N 67  
DA  H62    H  N N 68  
DA  H2     H  N N 69  
DC  OP3    O  N N 70  
DC  P      P  N N 71  
DC  OP1    O  N N 72  
DC  OP2    O  N N 73  
DC  "O5'"  O  N N 74  
DC  "C5'"  C  N N 75  
DC  "C4'"  C  N R 76  
DC  "O4'"  O  N N 77  
DC  "C3'"  C  N S 78  
DC  "O3'"  O  N N 79  
DC  "C2'"  C  N N 80  
DC  "C1'"  C  N R 81  
DC  N1     N  N N 82  
DC  C2     C  N N 83  
DC  O2     O  N N 84  
DC  N3     N  N N 85  
DC  C4     C  N N 86  
DC  N4     N  N N 87  
DC  C5     C  N N 88  
DC  C6     C  N N 89  
DC  HOP3   H  N N 90  
DC  HOP2   H  N N 91  
DC  "H5'"  H  N N 92  
DC  "H5''" H  N N 93  
DC  "H4'"  H  N N 94  
DC  "H3'"  H  N N 95  
DC  "HO3'" H  N N 96  
DC  "H2'"  H  N N 97  
DC  "H2''" H  N N 98  
DC  "H1'"  H  N N 99  
DC  H41    H  N N 100 
DC  H42    H  N N 101 
DC  H5     H  N N 102 
DC  H6     H  N N 103 
DG  OP3    O  N N 104 
DG  P      P  N N 105 
DG  OP1    O  N N 106 
DG  OP2    O  N N 107 
DG  "O5'"  O  N N 108 
DG  "C5'"  C  N N 109 
DG  "C4'"  C  N R 110 
DG  "O4'"  O  N N 111 
DG  "C3'"  C  N S 112 
DG  "O3'"  O  N N 113 
DG  "C2'"  C  N N 114 
DG  "C1'"  C  N R 115 
DG  N9     N  Y N 116 
DG  C8     C  Y N 117 
DG  N7     N  Y N 118 
DG  C5     C  Y N 119 
DG  C6     C  N N 120 
DG  O6     O  N N 121 
DG  N1     N  N N 122 
DG  C2     C  N N 123 
DG  N2     N  N N 124 
DG  N3     N  N N 125 
DG  C4     C  Y N 126 
DG  HOP3   H  N N 127 
DG  HOP2   H  N N 128 
DG  "H5'"  H  N N 129 
DG  "H5''" H  N N 130 
DG  "H4'"  H  N N 131 
DG  "H3'"  H  N N 132 
DG  "HO3'" H  N N 133 
DG  "H2'"  H  N N 134 
DG  "H2''" H  N N 135 
DG  "H1'"  H  N N 136 
DG  H8     H  N N 137 
DG  H1     H  N N 138 
DG  H21    H  N N 139 
DG  H22    H  N N 140 
HOH O      O  N N 141 
HOH H1     H  N N 142 
HOH H2     H  N N 143 
LR6 C2     C  N N 144 
LR6 C4     C  N N 145 
LR6 C5     C  N N 146 
LR6 C6     C  N N 147 
LR6 N1     N  N N 148 
LR6 N3     N  N N 149 
LR6 CD     C  N N 150 
LR6 "C1'"  C  N R 151 
LR6 "C2'"  C  N R 152 
LR6 "C3'"  C  N S 153 
LR6 "C4'"  C  N R 154 
LR6 "C5'"  C  N N 155 
LR6 C5M    C  N N 156 
LR6 "C6'"  C  N N 157 
LR6 "C7'"  C  N N 158 
LR6 "C8'"  C  N N 159 
LR6 "C9'"  C  N N 160 
LR6 "N2'"  N  N N 161 
LR6 "N3'"  N  N N 162 
LR6 "N4'"  N  N N 163 
LR6 O2     O  N N 164 
LR6 "O3'"  O  N N 165 
LR6 O4     O  N N 166 
LR6 "O4'"  O  N N 167 
LR6 "O5'"  O  N N 168 
LR6 OP1    O  N N 169 
LR6 OP2    O  N N 170 
LR6 P      P  N N 171 
LR6 "C10'" C  N N 172 
LR6 "C11'" C  N N 173 
LR6 H1     H  N N 174 
LR6 H2     H  N N 175 
LR6 H3     H  N N 176 
LR6 H4     H  N N 177 
LR6 H5     H  N N 178 
LR6 H6     H  N N 179 
LR6 H7     H  N N 180 
LR6 H8     H  N N 181 
LR6 H9     H  N N 182 
LR6 H10    H  N N 183 
LR6 H11    H  N N 184 
LR6 H12    H  N N 185 
LR6 H13    H  N N 186 
LR6 H14    H  N N 187 
LR6 H15    H  N N 188 
LR6 H16    H  N N 189 
LR6 H17    H  N N 190 
LR6 H18    H  N N 191 
LR6 H19    H  N N 192 
LR6 "HO3'" H  N N 193 
LR6 HOP2   H  N N 194 
LR6 H23    H  N N 195 
LR6 H24    H  N N 196 
LR6 H25    H  N N 197 
LR6 H26    H  N N 198 
LR6 H27    H  N N 199 
LR6 H28    H  N N 200 
LR6 OP3    O  N N 201 
LR6 HOP3   H  N N 202 
# 
loop_
_chem_comp_bond.comp_id 
_chem_comp_bond.atom_id_1 
_chem_comp_bond.atom_id_2 
_chem_comp_bond.value_order 
_chem_comp_bond.pdbx_aromatic_flag 
_chem_comp_bond.pdbx_stereo_config 
_chem_comp_bond.pdbx_ordinal 
BRU N1     C2     sing N N 1   
BRU N1     C6     sing N N 2   
BRU N1     "C1'"  sing N N 3   
BRU C2     N3     sing N N 4   
BRU C2     O2     doub N N 5   
BRU N3     C4     sing N N 6   
BRU N3     HN3    sing N N 7   
BRU C4     C5     sing N N 8   
BRU C4     O4     doub N N 9   
BRU C5     C6     doub N N 10  
BRU C5     BR     sing N N 11  
BRU C6     H6     sing N N 12  
BRU "C1'"  "C2'"  sing N N 13  
BRU "C1'"  "O4'"  sing N N 14  
BRU "C1'"  "H1'"  sing N N 15  
BRU "C2'"  "C3'"  sing N N 16  
BRU "C2'"  "H2'"  sing N N 17  
BRU "C2'"  "H2''" sing N N 18  
BRU "C3'"  "C4'"  sing N N 19  
BRU "C3'"  "O3'"  sing N N 20  
BRU "C3'"  "H3'"  sing N N 21  
BRU "C4'"  "O4'"  sing N N 22  
BRU "C4'"  "C5'"  sing N N 23  
BRU "C4'"  "H4'"  sing N N 24  
BRU "O3'"  "HO3'" sing N N 25  
BRU "C5'"  "O5'"  sing N N 26  
BRU "C5'"  "H5'"  sing N N 27  
BRU "C5'"  "H5''" sing N N 28  
BRU "O5'"  P      sing N N 29  
BRU P      OP1    doub N N 30  
BRU P      OP2    sing N N 31  
BRU P      OP3    sing N N 32  
BRU OP2    HOP2   sing N N 33  
BRU OP3    HOP3   sing N N 34  
DA  OP3    P      sing N N 35  
DA  OP3    HOP3   sing N N 36  
DA  P      OP1    doub N N 37  
DA  P      OP2    sing N N 38  
DA  P      "O5'"  sing N N 39  
DA  OP2    HOP2   sing N N 40  
DA  "O5'"  "C5'"  sing N N 41  
DA  "C5'"  "C4'"  sing N N 42  
DA  "C5'"  "H5'"  sing N N 43  
DA  "C5'"  "H5''" sing N N 44  
DA  "C4'"  "O4'"  sing N N 45  
DA  "C4'"  "C3'"  sing N N 46  
DA  "C4'"  "H4'"  sing N N 47  
DA  "O4'"  "C1'"  sing N N 48  
DA  "C3'"  "O3'"  sing N N 49  
DA  "C3'"  "C2'"  sing N N 50  
DA  "C3'"  "H3'"  sing N N 51  
DA  "O3'"  "HO3'" sing N N 52  
DA  "C2'"  "C1'"  sing N N 53  
DA  "C2'"  "H2'"  sing N N 54  
DA  "C2'"  "H2''" sing N N 55  
DA  "C1'"  N9     sing N N 56  
DA  "C1'"  "H1'"  sing N N 57  
DA  N9     C8     sing Y N 58  
DA  N9     C4     sing Y N 59  
DA  C8     N7     doub Y N 60  
DA  C8     H8     sing N N 61  
DA  N7     C5     sing Y N 62  
DA  C5     C6     sing Y N 63  
DA  C5     C4     doub Y N 64  
DA  C6     N6     sing N N 65  
DA  C6     N1     doub Y N 66  
DA  N6     H61    sing N N 67  
DA  N6     H62    sing N N 68  
DA  N1     C2     sing Y N 69  
DA  C2     N3     doub Y N 70  
DA  C2     H2     sing N N 71  
DA  N3     C4     sing Y N 72  
DC  OP3    P      sing N N 73  
DC  OP3    HOP3   sing N N 74  
DC  P      OP1    doub N N 75  
DC  P      OP2    sing N N 76  
DC  P      "O5'"  sing N N 77  
DC  OP2    HOP2   sing N N 78  
DC  "O5'"  "C5'"  sing N N 79  
DC  "C5'"  "C4'"  sing N N 80  
DC  "C5'"  "H5'"  sing N N 81  
DC  "C5'"  "H5''" sing N N 82  
DC  "C4'"  "O4'"  sing N N 83  
DC  "C4'"  "C3'"  sing N N 84  
DC  "C4'"  "H4'"  sing N N 85  
DC  "O4'"  "C1'"  sing N N 86  
DC  "C3'"  "O3'"  sing N N 87  
DC  "C3'"  "C2'"  sing N N 88  
DC  "C3'"  "H3'"  sing N N 89  
DC  "O3'"  "HO3'" sing N N 90  
DC  "C2'"  "C1'"  sing N N 91  
DC  "C2'"  "H2'"  sing N N 92  
DC  "C2'"  "H2''" sing N N 93  
DC  "C1'"  N1     sing N N 94  
DC  "C1'"  "H1'"  sing N N 95  
DC  N1     C2     sing N N 96  
DC  N1     C6     sing N N 97  
DC  C2     O2     doub N N 98  
DC  C2     N3     sing N N 99  
DC  N3     C4     doub N N 100 
DC  C4     N4     sing N N 101 
DC  C4     C5     sing N N 102 
DC  N4     H41    sing N N 103 
DC  N4     H42    sing N N 104 
DC  C5     C6     doub N N 105 
DC  C5     H5     sing N N 106 
DC  C6     H6     sing N N 107 
DG  OP3    P      sing N N 108 
DG  OP3    HOP3   sing N N 109 
DG  P      OP1    doub N N 110 
DG  P      OP2    sing N N 111 
DG  P      "O5'"  sing N N 112 
DG  OP2    HOP2   sing N N 113 
DG  "O5'"  "C5'"  sing N N 114 
DG  "C5'"  "C4'"  sing N N 115 
DG  "C5'"  "H5'"  sing N N 116 
DG  "C5'"  "H5''" sing N N 117 
DG  "C4'"  "O4'"  sing N N 118 
DG  "C4'"  "C3'"  sing N N 119 
DG  "C4'"  "H4'"  sing N N 120 
DG  "O4'"  "C1'"  sing N N 121 
DG  "C3'"  "O3'"  sing N N 122 
DG  "C3'"  "C2'"  sing N N 123 
DG  "C3'"  "H3'"  sing N N 124 
DG  "O3'"  "HO3'" sing N N 125 
DG  "C2'"  "C1'"  sing N N 126 
DG  "C2'"  "H2'"  sing N N 127 
DG  "C2'"  "H2''" sing N N 128 
DG  "C1'"  N9     sing N N 129 
DG  "C1'"  "H1'"  sing N N 130 
DG  N9     C8     sing Y N 131 
DG  N9     C4     sing Y N 132 
DG  C8     N7     doub Y N 133 
DG  C8     H8     sing N N 134 
DG  N7     C5     sing Y N 135 
DG  C5     C6     sing N N 136 
DG  C5     C4     doub Y N 137 
DG  C6     O6     doub N N 138 
DG  C6     N1     sing N N 139 
DG  N1     C2     sing N N 140 
DG  N1     H1     sing N N 141 
DG  C2     N2     sing N N 142 
DG  C2     N3     doub N N 143 
DG  N2     H21    sing N N 144 
DG  N2     H22    sing N N 145 
DG  N3     C4     sing N N 146 
HOH O      H1     sing N N 147 
HOH O      H2     sing N N 148 
LR6 "C9'"  "C8'"  sing N N 149 
LR6 "C11'" "C8'"  sing N N 150 
LR6 "C8'"  "C10'" sing N N 151 
LR6 "C8'"  "N4'"  sing N N 152 
LR6 "C7'"  "N3'"  sing N N 153 
LR6 "N4'"  CD     doub N N 154 
LR6 "N3'"  CD     sing N N 155 
LR6 CD     "N2'"  sing N N 156 
LR6 "N2'"  "C6'"  sing N N 157 
LR6 "N2'"  "C2'"  sing N N 158 
LR6 "O3'"  "C3'"  sing N N 159 
LR6 "C6'"  "C4'"  sing N N 160 
LR6 "C2'"  "C3'"  sing N N 161 
LR6 "C2'"  "C1'"  sing N N 162 
LR6 "C3'"  "C4'"  sing N N 163 
LR6 O2     C2     doub N N 164 
LR6 "C1'"  "O4'"  sing N N 165 
LR6 "C1'"  N1     sing N N 166 
LR6 "C4'"  "O4'"  sing N N 167 
LR6 "C4'"  "C5'"  sing N N 168 
LR6 C2     N1     sing N N 169 
LR6 C2     N3     sing N N 170 
LR6 N1     C6     sing N N 171 
LR6 "C5'"  "O5'"  sing N N 172 
LR6 N3     C4     sing N N 173 
LR6 "O5'"  P      sing N N 174 
LR6 C6     C5     doub N N 175 
LR6 C4     C5     sing N N 176 
LR6 C4     O4     doub N N 177 
LR6 C5     C5M    sing N N 178 
LR6 OP1    P      doub N N 179 
LR6 P      OP2    sing N N 180 
LR6 C6     H1     sing N N 181 
LR6 N3     H2     sing N N 182 
LR6 "C1'"  H3     sing N N 183 
LR6 "C2'"  H4     sing N N 184 
LR6 "C3'"  H5     sing N N 185 
LR6 "C5'"  H6     sing N N 186 
LR6 "C5'"  H7     sing N N 187 
LR6 C5M    H8     sing N N 188 
LR6 C5M    H9     sing N N 189 
LR6 C5M    H10    sing N N 190 
LR6 "C6'"  H11    sing N N 191 
LR6 "C6'"  H12    sing N N 192 
LR6 "C7'"  H13    sing N N 193 
LR6 "C7'"  H14    sing N N 194 
LR6 "C7'"  H15    sing N N 195 
LR6 "C9'"  H16    sing N N 196 
LR6 "C9'"  H17    sing N N 197 
LR6 "C9'"  H18    sing N N 198 
LR6 "N3'"  H19    sing N N 199 
LR6 "O3'"  "HO3'" sing N N 200 
LR6 OP2    HOP2   sing N N 201 
LR6 "C10'" H23    sing N N 202 
LR6 "C10'" H24    sing N N 203 
LR6 "C10'" H25    sing N N 204 
LR6 "C11'" H26    sing N N 205 
LR6 "C11'" H27    sing N N 206 
LR6 "C11'" H28    sing N N 207 
LR6 P      OP3    sing N N 208 
LR6 OP3    HOP3   sing N N 209 
# 
loop_
_ndb_struct_conf_na.entry_id 
_ndb_struct_conf_na.feature 
8HU5 'double helix'         
8HU5 'a-form double helix'  
8HU5 'mismatched base pair' 
# 
loop_
_ndb_struct_na_base_pair.model_number 
_ndb_struct_na_base_pair.i_label_asym_id 
_ndb_struct_na_base_pair.i_label_comp_id 
_ndb_struct_na_base_pair.i_label_seq_id 
_ndb_struct_na_base_pair.i_symmetry 
_ndb_struct_na_base_pair.j_label_asym_id 
_ndb_struct_na_base_pair.j_label_comp_id 
_ndb_struct_na_base_pair.j_label_seq_id 
_ndb_struct_na_base_pair.j_symmetry 
_ndb_struct_na_base_pair.shear 
_ndb_struct_na_base_pair.stretch 
_ndb_struct_na_base_pair.stagger 
_ndb_struct_na_base_pair.buckle 
_ndb_struct_na_base_pair.propeller 
_ndb_struct_na_base_pair.opening 
_ndb_struct_na_base_pair.pair_number 
_ndb_struct_na_base_pair.pair_name 
_ndb_struct_na_base_pair.i_auth_asym_id 
_ndb_struct_na_base_pair.i_auth_seq_id 
_ndb_struct_na_base_pair.i_PDB_ins_code 
_ndb_struct_na_base_pair.j_auth_asym_id 
_ndb_struct_na_base_pair.j_auth_seq_id 
_ndb_struct_na_base_pair.j_PDB_ins_code 
_ndb_struct_na_base_pair.hbond_type_28 
_ndb_struct_na_base_pair.hbond_type_12 
1 A DG  1 1_555 A DC  8 8_665 -0.300 -0.207 0.029 -10.515 -11.727 -2.573 1 A_DG1:DC8_A  A 1 ? A 8 ? 19 1 
1 A DG  3 1_555 A DC  6 8_665 -0.261 -0.151 0.103 -8.415  -15.928 1.942  2 A_DG3:DC6_A  A 3 ? A 6 ? 19 1 
1 A BRU 4 1_555 A DA  5 8_665 -0.061 -0.166 0.395 -8.046  -10.166 -2.294 3 A_BRU4:DA5_A A 4 ? A 5 ? 20 1 
1 A DA  5 1_555 A BRU 4 8_665 0.061  -0.166 0.395 8.046   -10.166 -2.294 4 A_DA5:BRU4_A A 5 ? A 4 ? 20 1 
1 A DC  6 1_555 A DG  3 8_665 0.261  -0.151 0.103 8.415   -15.928 1.942  5 A_DC6:DG3_A  A 6 ? A 3 ? 19 1 
1 A DC  8 1_555 A DG  1 8_665 0.300  -0.207 0.029 10.515  -11.727 -2.573 6 A_DC8:DG1_A  A 8 ? A 1 ? 19 1 
# 
loop_
_ndb_struct_na_base_pair_step.model_number 
_ndb_struct_na_base_pair_step.i_label_asym_id_1 
_ndb_struct_na_base_pair_step.i_label_comp_id_1 
_ndb_struct_na_base_pair_step.i_label_seq_id_1 
_ndb_struct_na_base_pair_step.i_symmetry_1 
_ndb_struct_na_base_pair_step.j_label_asym_id_1 
_ndb_struct_na_base_pair_step.j_label_comp_id_1 
_ndb_struct_na_base_pair_step.j_label_seq_id_1 
_ndb_struct_na_base_pair_step.j_symmetry_1 
_ndb_struct_na_base_pair_step.i_label_asym_id_2 
_ndb_struct_na_base_pair_step.i_label_comp_id_2 
_ndb_struct_na_base_pair_step.i_label_seq_id_2 
_ndb_struct_na_base_pair_step.i_symmetry_2 
_ndb_struct_na_base_pair_step.j_label_asym_id_2 
_ndb_struct_na_base_pair_step.j_label_comp_id_2 
_ndb_struct_na_base_pair_step.j_label_seq_id_2 
_ndb_struct_na_base_pair_step.j_symmetry_2 
_ndb_struct_na_base_pair_step.shift 
_ndb_struct_na_base_pair_step.slide 
_ndb_struct_na_base_pair_step.rise 
_ndb_struct_na_base_pair_step.tilt 
_ndb_struct_na_base_pair_step.roll 
_ndb_struct_na_base_pair_step.twist 
_ndb_struct_na_base_pair_step.x_displacement 
_ndb_struct_na_base_pair_step.y_displacement 
_ndb_struct_na_base_pair_step.helical_rise 
_ndb_struct_na_base_pair_step.inclination 
_ndb_struct_na_base_pair_step.tip 
_ndb_struct_na_base_pair_step.helical_twist 
_ndb_struct_na_base_pair_step.step_number 
_ndb_struct_na_base_pair_step.step_name 
_ndb_struct_na_base_pair_step.i_auth_asym_id_1 
_ndb_struct_na_base_pair_step.i_auth_seq_id_1 
_ndb_struct_na_base_pair_step.i_PDB_ins_code_1 
_ndb_struct_na_base_pair_step.j_auth_asym_id_1 
_ndb_struct_na_base_pair_step.j_auth_seq_id_1 
_ndb_struct_na_base_pair_step.j_PDB_ins_code_1 
_ndb_struct_na_base_pair_step.i_auth_asym_id_2 
_ndb_struct_na_base_pair_step.i_auth_seq_id_2 
_ndb_struct_na_base_pair_step.i_PDB_ins_code_2 
_ndb_struct_na_base_pair_step.j_auth_asym_id_2 
_ndb_struct_na_base_pair_step.j_auth_seq_id_2 
_ndb_struct_na_base_pair_step.j_PDB_ins_code_2 
1 A DG  1 1_555 A DC  8 8_665 A DG  3 1_555 A DC  6 8_665 1.139  -3.201 6.270 0.343  16.739 64.994 -4.099 -1.009 5.405 15.315 
-0.314 66.886 1 AA_DG1DG3:DC6DC8_AA   A 1 ? A 8 ? A 3 ? A 6 ? 
1 A DG  3 1_555 A DC  6 8_665 A BRU 4 1_555 A DA  5 8_665 -0.567 -1.421 3.205 -2.104 0.640  37.818 -2.270 0.609  3.207 0.986  
3.243  37.880 2 AA_DG3BRU4:DA5DC6_AA  A 3 ? A 6 ? A 4 ? A 5 ? 
1 A BRU 4 1_555 A DA  5 8_665 A DA  5 1_555 A BRU 4 8_665 0.000  -1.424 2.767 0.000  4.542  27.947 -3.766 0.000  2.509 9.327  
0.000  28.306 3 AA_BRU4DA5:BRU4DA5_AA A 4 ? A 5 ? A 5 ? A 4 ? 
1 A DA  5 1_555 A BRU 4 8_665 A DC  6 1_555 A DG  3 8_665 0.567  -1.421 3.205 2.104  0.640  37.818 -2.270 -0.609 3.207 0.986  
-3.243 37.880 4 AA_DA5DC6:DG3BRU4_AA  A 5 ? A 4 ? A 6 ? A 3 ? 
1 A DC  6 1_555 A DG  3 8_665 A DC  8 1_555 A DG  1 8_665 -1.139 -3.201 6.270 -0.343 16.739 64.994 -4.099 1.009  5.405 15.315 
0.314  66.886 5 AA_DC6DC8:DG1DG3_AA   A 6 ? A 3 ? A 8 ? A 1 ? 
# 
loop_
_pdbx_audit_support.funding_organization 
_pdbx_audit_support.country 
_pdbx_audit_support.grant_number 
_pdbx_audit_support.ordinal 
'Japan Society for the Promotion of Science (JSPS)'        Japan 21K06511       1 
'Japan Society for the Promotion of Science (JSPS)'        Japan 20K05748       2 
'Japan Agency for Medical Research and Development (AMED)' Japan JP19am0101084  3 
'Japan Agency for Medical Research and Development (AMED)' Japan JP18am0301004, 4 
'Japan Agency for Medical Research and Development (AMED)' Japan 19am0401003    5 
'Japan Agency for Medical Research and Development (AMED)' Japan JP21ae0121022, 6 
'Japan Agency for Medical Research and Development (AMED)' Japan JP21ae0121023  7 
'Japan Agency for Medical Research and Development (AMED)' Japan JP21ae012102   8 
# 
_pdbx_entity_instance_feature.ordinal        1 
_pdbx_entity_instance_feature.comp_id        LR6 
_pdbx_entity_instance_feature.asym_id        ? 
_pdbx_entity_instance_feature.seq_num        ? 
_pdbx_entity_instance_feature.auth_comp_id   LR6 
_pdbx_entity_instance_feature.auth_asym_id   ? 
_pdbx_entity_instance_feature.auth_seq_num   ? 
_pdbx_entity_instance_feature.feature_type   'SUBJECT OF INVESTIGATION' 
_pdbx_entity_instance_feature.details        ? 
# 
_pdbx_entity_nonpoly.entity_id   2 
_pdbx_entity_nonpoly.name        water 
_pdbx_entity_nonpoly.comp_id     HOH 
# 
_pdbx_initial_refinement_model.id               1 
_pdbx_initial_refinement_model.entity_id_list   ? 
_pdbx_initial_refinement_model.type             'experimental model' 
_pdbx_initial_refinement_model.source_name      ? 
_pdbx_initial_refinement_model.accession_code   ? 
_pdbx_initial_refinement_model.details          ? 
# 
_pdbx_struct_assembly_auth_evidence.id                     1 
_pdbx_struct_assembly_auth_evidence.assembly_id            1 
_pdbx_struct_assembly_auth_evidence.experimental_support   none 
_pdbx_struct_assembly_auth_evidence.details                ? 
# 
